data_7CGQ
#
_entry.id   7CGQ
#
_cell.length_a   60.078
_cell.length_b   92.096
_cell.length_c   135.133
_cell.angle_alpha   90.000
_cell.angle_beta   102.250
_cell.angle_gamma   90.000
#
_symmetry.space_group_name_H-M   'P 1 21 1'
#
loop_
_entity.id
_entity.type
_entity.pdbx_description
1 polymer 'L-arabinose 1-dehydrogenase (NAD(P)(+))'
2 non-polymer 'NADP NICOTINAMIDE-ADENINE-DINUCLEOTIDE PHOSPHATE'
3 non-polymer alpha-L-arabinopyranose
4 water water
#
_entity_poly.entity_id   1
_entity_poly.type   'polypeptide(L)'
_entity_poly.pdbx_seq_one_letter_code
;MRGSHHHHHHGSDQVSLGVVGIGKIARDQHLPAIDAEPGFKLTACASRHAEVTGVRNYRDLRALLAAERELDAVSLCAPP
QVRYAQARAALEAGKHVMLEKPPGATLGEVAVLEALARERGLTLFATWHSRCASAVEPAREWLATRAIRAVQVRWKADVR
RWHPGQQWIWEPGGLGVFDPGINALSIVTRILPRELVLREATLIVPSDVQTPIAAELDCADTDGVPVRAEFDWRHGPVEQ
WEIAVDTADGVLAISRGGAQLSIAGEPVELGPEREYPALYAHFHALIARGESDVDVRPLRLVADAFLFGRRVQTDAFGR
;
_entity_poly.pdbx_strand_id   A,B,C,D
#
# COMPACT_ATOMS: atom_id res chain seq x y z
N GLN A 14 5.15 17.32 -3.13
CA GLN A 14 6.24 16.35 -3.06
C GLN A 14 6.92 16.38 -1.71
N VAL A 15 7.85 15.44 -1.50
CA VAL A 15 8.70 15.40 -0.32
C VAL A 15 10.15 15.35 -0.78
N SER A 16 10.94 16.28 -0.28
CA SER A 16 12.35 16.39 -0.67
C SER A 16 13.17 15.29 0.00
N LEU A 17 14.06 14.67 -0.78
CA LEU A 17 14.74 13.45 -0.34
C LEU A 17 16.23 13.51 -0.64
N GLY A 18 17.05 13.16 0.34
CA GLY A 18 18.48 12.98 0.15
C GLY A 18 18.86 11.52 0.34
N VAL A 19 19.87 11.09 -0.41
CA VAL A 19 20.36 9.71 -0.38
C VAL A 19 21.84 9.73 0.00
N VAL A 20 22.21 8.85 0.95
CA VAL A 20 23.53 8.87 1.56
C VAL A 20 24.24 7.56 1.26
N GLY A 21 25.44 7.66 0.69
CA GLY A 21 26.21 6.49 0.35
C GLY A 21 25.79 5.91 -0.97
N ILE A 22 26.38 6.42 -2.06
CA ILE A 22 25.99 6.02 -3.41
C ILE A 22 26.92 4.91 -3.89
N GLY A 23 26.62 3.67 -3.50
CA GLY A 23 27.40 2.54 -3.93
C GLY A 23 26.59 1.54 -4.72
N LYS A 24 26.74 0.25 -4.38
CA LYS A 24 26.11 -0.81 -5.15
C LYS A 24 24.59 -0.66 -5.19
N ILE A 25 23.95 -0.72 -4.02
CA ILE A 25 22.50 -0.79 -3.98
C ILE A 25 21.85 0.55 -4.29
N ALA A 26 22.52 1.67 -3.97
CA ALA A 26 21.96 2.97 -4.28
C ALA A 26 21.78 3.16 -5.78
N ARG A 27 22.75 2.69 -6.58
CA ARG A 27 22.65 2.85 -8.02
C ARG A 27 21.71 1.82 -8.63
N ASP A 28 21.76 0.57 -8.16
CA ASP A 28 20.99 -0.50 -8.79
C ASP A 28 19.50 -0.40 -8.45
N GLN A 29 19.16 0.07 -7.25
CA GLN A 29 17.79 -0.08 -6.77
C GLN A 29 17.18 1.23 -6.27
N HIS A 30 17.92 1.98 -5.45
CA HIS A 30 17.33 3.13 -4.79
C HIS A 30 17.02 4.26 -5.76
N LEU A 31 18.05 4.73 -6.48
CA LEU A 31 17.84 5.85 -7.41
C LEU A 31 16.79 5.55 -8.47
N PRO A 32 16.80 4.39 -9.15
CA PRO A 32 15.70 4.11 -10.09
C PRO A 32 14.33 4.10 -9.42
N ALA A 33 14.23 3.56 -8.21
CA ALA A 33 12.94 3.52 -7.53
C ALA A 33 12.48 4.92 -7.14
N ILE A 34 13.41 5.77 -6.68
CA ILE A 34 13.05 7.13 -6.28
C ILE A 34 12.52 7.91 -7.47
N ASP A 35 13.20 7.82 -8.61
CA ASP A 35 12.80 8.58 -9.79
C ASP A 35 11.38 8.24 -10.21
N ALA A 36 11.01 6.95 -10.15
CA ALA A 36 9.68 6.53 -10.57
C ALA A 36 8.61 6.79 -9.52
N GLU A 37 8.99 7.17 -8.30
CA GLU A 37 8.02 7.44 -7.25
C GLU A 37 7.67 8.92 -7.25
N PRO A 38 6.44 9.30 -7.59
CA PRO A 38 6.11 10.73 -7.75
C PRO A 38 6.08 11.51 -6.45
N GLY A 39 5.92 10.84 -5.31
CA GLY A 39 5.86 11.57 -4.05
C GLY A 39 7.19 12.09 -3.56
N PHE A 40 8.29 11.67 -4.16
CA PHE A 40 9.62 12.08 -3.75
C PHE A 40 10.29 12.88 -4.86
N LYS A 41 10.98 13.94 -4.45
CA LYS A 41 11.84 14.72 -5.34
C LYS A 41 13.27 14.57 -4.84
N LEU A 42 14.07 13.78 -5.55
CA LEU A 42 15.47 13.65 -5.21
C LEU A 42 16.14 15.02 -5.27
N THR A 43 16.65 15.47 -4.13
CA THR A 43 17.19 16.82 -3.98
C THR A 43 18.69 16.86 -3.82
N ALA A 44 19.27 15.97 -3.00
CA ALA A 44 20.70 16.01 -2.75
C ALA A 44 21.21 14.60 -2.50
N CYS A 45 22.52 14.42 -2.69
CA CYS A 45 23.16 13.14 -2.40
C CYS A 45 24.48 13.40 -1.69
N ALA A 46 24.78 12.56 -0.70
CA ALA A 46 26.05 12.60 0.01
C ALA A 46 26.82 11.32 -0.27
N SER A 47 28.09 11.47 -0.65
CA SER A 47 28.96 10.34 -0.93
C SER A 47 30.38 10.85 -1.05
N ARG A 48 31.32 10.12 -0.43
CA ARG A 48 32.71 10.57 -0.40
C ARG A 48 33.39 10.42 -1.76
N HIS A 49 33.04 9.39 -2.52
CA HIS A 49 33.73 9.09 -3.77
C HIS A 49 32.81 9.02 -4.98
N ALA A 50 31.56 9.49 -4.86
CA ALA A 50 30.60 9.36 -5.95
C ALA A 50 29.74 10.61 -6.05
N GLU A 51 29.26 10.85 -7.27
CA GLU A 51 28.45 12.01 -7.60
C GLU A 51 27.23 11.55 -8.38
N VAL A 52 26.08 12.19 -8.13
CA VAL A 52 24.85 11.87 -8.84
C VAL A 52 24.48 13.11 -9.67
N THR A 53 24.55 12.97 -10.98
CA THR A 53 24.23 14.08 -11.88
C THR A 53 22.75 14.44 -11.77
N GLY A 54 22.48 15.74 -11.79
CA GLY A 54 21.12 16.26 -11.72
C GLY A 54 20.71 16.79 -10.37
N VAL A 55 21.45 16.49 -9.30
CA VAL A 55 21.12 16.95 -7.97
C VAL A 55 22.36 17.56 -7.33
N ARG A 56 22.14 18.30 -6.25
CA ARG A 56 23.26 18.80 -5.47
C ARG A 56 23.99 17.66 -4.81
N ASN A 57 25.31 17.78 -4.71
CA ASN A 57 26.15 16.69 -4.23
C ASN A 57 27.04 17.15 -3.09
N TYR A 58 27.18 16.28 -2.09
CA TYR A 58 27.98 16.53 -0.91
C TYR A 58 28.87 15.32 -0.64
N ARG A 59 30.00 15.55 0.02
CA ARG A 59 30.90 14.45 0.30
C ARG A 59 30.57 13.73 1.60
N ASP A 60 29.77 14.34 2.47
CA ASP A 60 29.38 13.69 3.71
C ASP A 60 28.01 14.21 4.14
N LEU A 61 27.36 13.43 5.00
CA LEU A 61 26.00 13.76 5.43
C LEU A 61 25.96 15.06 6.23
N ARG A 62 27.00 15.32 7.03
CA ARG A 62 27.01 16.53 7.85
C ARG A 62 26.88 17.78 6.99
N ALA A 63 27.67 17.87 5.92
CA ALA A 63 27.60 19.03 5.04
C ALA A 63 26.26 19.10 4.31
N LEU A 64 25.73 17.94 3.89
CA LEU A 64 24.41 17.92 3.26
C LEU A 64 23.36 18.52 4.19
N LEU A 65 23.32 18.05 5.43
CA LEU A 65 22.31 18.52 6.38
C LEU A 65 22.49 19.99 6.71
N ALA A 66 23.73 20.47 6.77
CA ALA A 66 23.97 21.87 7.08
C ALA A 66 23.44 22.79 5.99
N ALA A 67 23.56 22.37 4.73
CA ALA A 67 23.17 23.23 3.61
C ALA A 67 21.73 23.01 3.15
N GLU A 68 21.16 21.83 3.40
CA GLU A 68 19.84 21.48 2.89
C GLU A 68 18.82 21.61 4.02
N ARG A 69 18.47 22.85 4.33
CA ARG A 69 17.58 23.10 5.47
C ARG A 69 16.11 22.89 5.13
N GLU A 70 15.72 23.01 3.86
CA GLU A 70 14.37 22.71 3.45
C GLU A 70 14.13 21.24 3.14
N LEU A 71 15.19 20.42 3.18
CA LEU A 71 15.07 19.00 2.90
C LEU A 71 14.20 18.32 3.94
N ASP A 72 13.37 17.38 3.48
CA ASP A 72 12.39 16.72 4.35
C ASP A 72 12.85 15.35 4.84
N ALA A 73 13.52 14.56 4.01
CA ALA A 73 13.79 13.17 4.36
C ALA A 73 15.13 12.72 3.79
N VAL A 74 15.67 11.66 4.40
CA VAL A 74 16.96 11.09 4.08
C VAL A 74 16.80 9.57 3.97
N SER A 75 17.51 8.96 3.02
CA SER A 75 17.57 7.51 2.88
C SER A 75 19.03 7.06 2.95
N LEU A 76 19.33 6.15 3.87
CA LEU A 76 20.70 5.72 4.13
C LEU A 76 20.96 4.37 3.47
N CYS A 77 22.01 4.31 2.65
CA CYS A 77 22.41 3.09 1.96
C CYS A 77 23.89 2.78 2.15
N ALA A 78 24.49 3.28 3.23
CA ALA A 78 25.88 3.00 3.59
C ALA A 78 25.94 1.73 4.43
N PRO A 79 27.13 1.19 4.71
CA PRO A 79 27.22 -0.01 5.55
C PRO A 79 26.58 0.21 6.91
N PRO A 80 26.18 -0.85 7.60
CA PRO A 80 25.45 -0.68 8.87
C PRO A 80 26.32 -0.11 10.00
N GLN A 81 27.64 -0.25 9.93
CA GLN A 81 28.50 0.23 11.02
C GLN A 81 28.39 1.75 11.21
N VAL A 82 28.06 2.49 10.16
CA VAL A 82 27.92 3.93 10.26
C VAL A 82 26.46 4.35 10.31
N ARG A 83 25.53 3.39 10.40
CA ARG A 83 24.11 3.70 10.27
C ARG A 83 23.59 4.51 11.45
N TYR A 84 24.04 4.20 12.68
CA TYR A 84 23.51 4.89 13.84
C TYR A 84 23.91 6.37 13.82
N ALA A 85 25.18 6.65 13.57
CA ALA A 85 25.66 8.03 13.59
C ALA A 85 24.96 8.88 12.53
N GLN A 86 24.83 8.34 11.31
CA GLN A 86 24.15 9.06 10.25
C GLN A 86 22.67 9.27 10.59
N ALA A 87 22.01 8.22 11.08
CA ALA A 87 20.58 8.33 11.38
C ALA A 87 20.33 9.29 12.53
N ARG A 88 21.17 9.25 13.56
CA ARG A 88 21.04 10.20 14.67
C ARG A 88 21.22 11.63 14.16
N ALA A 89 22.26 11.87 13.36
CA ALA A 89 22.48 13.21 12.84
C ALA A 89 21.31 13.69 12.00
N ALA A 90 20.71 12.80 11.21
CA ALA A 90 19.60 13.18 10.35
C ALA A 90 18.36 13.50 11.19
N LEU A 91 18.04 12.65 12.16
CA LEU A 91 16.89 12.90 13.02
C LEU A 91 17.09 14.15 13.87
N GLU A 92 18.32 14.40 14.32
CA GLU A 92 18.61 15.61 15.08
C GLU A 92 18.32 16.85 14.25
N ALA A 93 18.58 16.80 12.95
CA ALA A 93 18.29 17.92 12.05
C ALA A 93 16.82 18.01 11.66
N GLY A 94 15.99 17.07 12.09
CA GLY A 94 14.58 17.12 11.79
C GLY A 94 14.17 16.48 10.48
N LYS A 95 14.92 15.49 10.01
CA LYS A 95 14.58 14.79 8.78
C LYS A 95 14.00 13.41 9.09
N HIS A 96 13.00 13.01 8.32
CA HIS A 96 12.55 11.62 8.33
C HIS A 96 13.65 10.74 7.75
N VAL A 97 13.76 9.51 8.26
CA VAL A 97 14.90 8.66 7.96
C VAL A 97 14.43 7.28 7.53
N MET A 98 14.97 6.80 6.41
CA MET A 98 14.75 5.45 5.91
C MET A 98 16.07 4.70 5.98
N LEU A 99 16.04 3.47 6.51
CA LEU A 99 17.23 2.70 6.79
C LEU A 99 17.30 1.47 5.90
N GLU A 100 18.43 1.29 5.23
CA GLU A 100 18.72 0.00 4.62
C GLU A 100 18.82 -1.07 5.70
N LYS A 101 18.70 -2.32 5.28
CA LYS A 101 18.88 -3.35 6.30
C LYS A 101 20.35 -3.72 6.43
N PRO A 102 20.80 -4.19 7.60
CA PRO A 102 20.07 -4.22 8.87
C PRO A 102 19.92 -2.82 9.43
N PRO A 103 18.88 -2.57 10.24
CA PRO A 103 18.66 -1.21 10.74
C PRO A 103 19.77 -0.70 11.63
N GLY A 104 20.63 -1.58 12.14
CA GLY A 104 21.74 -1.13 12.95
C GLY A 104 22.77 -2.23 13.13
N ALA A 105 23.89 -1.85 13.75
CA ALA A 105 24.88 -2.84 14.17
C ALA A 105 24.54 -3.45 15.52
N THR A 106 23.63 -2.83 16.27
CA THR A 106 23.19 -3.33 17.57
C THR A 106 21.70 -3.07 17.70
N LEU A 107 21.09 -3.73 18.68
CA LEU A 107 19.68 -3.51 18.97
C LEU A 107 19.46 -2.23 19.77
N GLY A 108 20.39 -1.89 20.66
CA GLY A 108 20.23 -0.69 21.45
C GLY A 108 20.18 0.58 20.62
N GLU A 109 21.04 0.65 19.60
CA GLU A 109 21.06 1.86 18.78
C GLU A 109 19.78 2.03 17.98
N VAL A 110 19.12 0.93 17.60
CA VAL A 110 17.85 1.05 16.89
C VAL A 110 16.75 1.53 17.83
N ALA A 111 16.74 1.03 19.07
CA ALA A 111 15.75 1.49 20.03
C ALA A 111 15.96 2.96 20.36
N VAL A 112 17.21 3.40 20.45
CA VAL A 112 17.50 4.81 20.73
C VAL A 112 17.01 5.68 19.58
N LEU A 113 17.29 5.26 18.33
CA LEU A 113 16.83 6.04 17.18
C LEU A 113 15.31 6.11 17.13
N GLU A 114 14.63 5.01 17.47
CA GLU A 114 13.18 5.00 17.41
C GLU A 114 12.57 5.94 18.45
N ALA A 115 13.12 5.91 19.67
CA ALA A 115 12.67 6.85 20.69
C ALA A 115 12.92 8.29 20.26
N LEU A 116 14.10 8.54 19.69
CA LEU A 116 14.42 9.89 19.22
C LEU A 116 13.44 10.35 18.15
N ALA A 117 13.21 9.51 17.13
CA ALA A 117 12.27 9.88 16.07
C ALA A 117 10.88 10.14 16.62
N ARG A 118 10.42 9.31 17.56
CA ARG A 118 9.07 9.47 18.10
C ARG A 118 8.92 10.73 18.93
N GLU A 119 9.98 11.14 19.63
CA GLU A 119 9.90 12.40 20.39
C GLU A 119 9.86 13.61 19.48
N ARG A 120 10.56 13.57 18.35
CA ARG A 120 10.55 14.65 17.39
C ARG A 120 9.38 14.57 16.42
N GLY A 121 8.54 13.54 16.53
CA GLY A 121 7.46 13.37 15.58
C GLY A 121 7.92 13.08 14.16
N LEU A 122 9.10 12.48 14.01
CA LEU A 122 9.64 12.16 12.70
C LEU A 122 9.43 10.68 12.40
N THR A 123 9.44 10.37 11.11
CA THR A 123 9.27 9.01 10.63
C THR A 123 10.62 8.31 10.60
N LEU A 124 10.71 7.17 11.27
CA LEU A 124 11.83 6.25 11.11
C LEU A 124 11.30 4.98 10.45
N PHE A 125 11.99 4.52 9.42
CA PHE A 125 11.56 3.35 8.65
C PHE A 125 12.73 2.38 8.55
N ALA A 126 12.63 1.26 9.27
CA ALA A 126 13.57 0.16 9.12
C ALA A 126 13.07 -0.73 7.99
N THR A 127 13.79 -0.75 6.88
CA THR A 127 13.33 -1.45 5.69
C THR A 127 13.88 -2.86 5.63
N TRP A 128 13.10 -3.75 5.00
CA TRP A 128 13.46 -5.15 4.77
C TRP A 128 12.99 -5.46 3.35
N HIS A 129 13.87 -5.25 2.38
CA HIS A 129 13.45 -5.29 0.97
C HIS A 129 12.87 -6.65 0.59
N SER A 130 13.42 -7.73 1.13
CA SER A 130 12.93 -9.06 0.76
C SER A 130 11.49 -9.28 1.20
N ARG A 131 11.05 -8.58 2.24
CA ARG A 131 9.65 -8.66 2.66
C ARG A 131 8.70 -8.17 1.58
N CYS A 132 9.17 -7.34 0.66
CA CYS A 132 8.34 -6.82 -0.42
C CYS A 132 8.37 -7.69 -1.67
N ALA A 133 9.14 -8.78 -1.65
CA ALA A 133 9.12 -9.73 -2.75
C ALA A 133 7.70 -10.23 -2.98
N SER A 134 7.38 -10.48 -4.25
CA SER A 134 5.98 -10.70 -4.63
C SER A 134 5.35 -11.92 -3.96
N ALA A 135 6.14 -12.90 -3.52
CA ALA A 135 5.57 -14.10 -2.94
C ALA A 135 5.22 -13.95 -1.46
N VAL A 136 5.61 -12.84 -0.83
CA VAL A 136 5.55 -12.76 0.64
C VAL A 136 4.12 -12.62 1.13
N GLU A 137 3.39 -11.63 0.62
CA GLU A 137 2.00 -11.47 1.05
C GLU A 137 1.10 -12.63 0.65
N PRO A 138 1.17 -13.18 -0.57
CA PRO A 138 0.37 -14.38 -0.86
C PRO A 138 0.67 -15.54 0.08
N ALA A 139 1.95 -15.78 0.37
CA ALA A 139 2.30 -16.82 1.32
C ALA A 139 1.76 -16.52 2.70
N ARG A 140 1.83 -15.26 3.12
CA ARG A 140 1.33 -14.88 4.44
C ARG A 140 -0.16 -15.12 4.55
N GLU A 141 -0.92 -14.73 3.52
CA GLU A 141 -2.37 -14.91 3.56
C GLU A 141 -2.75 -16.39 3.56
N TRP A 142 -2.04 -17.20 2.77
CA TRP A 142 -2.33 -18.63 2.72
C TRP A 142 -2.00 -19.33 4.02
N LEU A 143 -0.99 -18.85 4.75
CA LEU A 143 -0.54 -19.53 5.96
C LEU A 143 -1.25 -19.08 7.22
N ALA A 144 -1.92 -17.93 7.19
CA ALA A 144 -2.53 -17.37 8.40
C ALA A 144 -3.46 -18.35 9.09
N THR A 145 -4.15 -19.19 8.33
CA THR A 145 -5.23 -20.03 8.84
C THR A 145 -4.97 -21.50 8.52
N ARG A 146 -3.76 -21.98 8.75
CA ARG A 146 -3.42 -23.34 8.39
C ARG A 146 -2.47 -23.94 9.43
N ALA A 147 -2.62 -25.25 9.66
CA ALA A 147 -1.76 -25.96 10.59
C ALA A 147 -0.38 -26.14 9.99
N ILE A 148 0.60 -25.43 10.54
CA ILE A 148 1.98 -25.52 10.07
C ILE A 148 2.70 -26.58 10.90
N ARG A 149 3.43 -27.46 10.22
CA ARG A 149 4.17 -28.52 10.88
C ARG A 149 5.66 -28.25 11.00
N ALA A 150 6.30 -27.77 9.93
CA ALA A 150 7.74 -27.57 9.92
C ALA A 150 8.07 -26.47 8.93
N VAL A 151 9.23 -25.84 9.14
CA VAL A 151 9.72 -24.77 8.28
C VAL A 151 11.20 -25.03 8.00
N GLN A 152 11.57 -25.00 6.72
CA GLN A 152 12.95 -25.22 6.30
C GLN A 152 13.40 -24.02 5.48
N VAL A 153 14.56 -23.48 5.82
CA VAL A 153 15.12 -22.31 5.16
C VAL A 153 16.53 -22.64 4.66
N ARG A 154 16.76 -22.44 3.37
CA ARG A 154 18.08 -22.60 2.77
C ARG A 154 18.41 -21.31 2.03
N TRP A 155 19.54 -20.69 2.39
CA TRP A 155 19.92 -19.37 1.86
C TRP A 155 21.43 -19.39 1.62
N LYS A 156 21.82 -19.80 0.42
CA LYS A 156 23.22 -20.00 0.05
C LYS A 156 23.52 -19.29 -1.26
N ALA A 157 24.70 -18.68 -1.33
CA ALA A 157 25.14 -17.97 -2.52
C ALA A 157 26.64 -17.71 -2.38
N ASP A 158 27.28 -17.48 -3.51
CA ASP A 158 28.73 -17.25 -3.54
C ASP A 158 29.00 -15.78 -3.18
N VAL A 159 29.70 -15.57 -2.07
CA VAL A 159 29.98 -14.21 -1.61
C VAL A 159 30.82 -13.45 -2.63
N ARG A 160 31.73 -14.14 -3.33
CA ARG A 160 32.63 -13.45 -4.25
C ARG A 160 31.92 -12.95 -5.49
N ARG A 161 30.76 -13.53 -5.84
CA ARG A 161 29.97 -13.01 -6.94
C ARG A 161 29.02 -11.90 -6.49
N TRP A 162 28.62 -11.88 -5.22
CA TRP A 162 27.63 -10.93 -4.75
C TRP A 162 28.21 -9.76 -3.97
N HIS A 163 29.39 -9.92 -3.39
CA HIS A 163 30.06 -8.82 -2.66
C HIS A 163 31.56 -8.89 -2.98
N PRO A 164 31.94 -8.58 -4.22
CA PRO A 164 33.35 -8.68 -4.59
C PRO A 164 34.16 -7.55 -3.97
N GLY A 165 35.28 -7.90 -3.34
CA GLY A 165 36.16 -6.94 -2.71
C GLY A 165 35.59 -6.27 -1.47
N GLN A 166 34.33 -6.53 -1.11
CA GLN A 166 33.72 -5.84 0.01
C GLN A 166 34.35 -6.30 1.32
N GLN A 167 34.64 -5.34 2.20
CA GLN A 167 35.36 -5.60 3.43
C GLN A 167 34.53 -5.46 4.69
N TRP A 168 33.53 -4.56 4.69
CA TRP A 168 32.76 -4.33 5.92
C TRP A 168 31.93 -5.54 6.32
N ILE A 169 31.69 -6.49 5.41
CA ILE A 169 30.93 -7.68 5.74
C ILE A 169 31.71 -8.61 6.67
N TRP A 170 33.03 -8.47 6.70
CA TRP A 170 33.88 -9.33 7.51
C TRP A 170 34.31 -8.67 8.82
N GLU A 171 33.82 -7.47 9.10
CA GLU A 171 34.19 -6.73 10.29
C GLU A 171 33.06 -6.75 11.30
N PRO A 172 33.36 -6.51 12.59
CA PRO A 172 32.30 -6.46 13.60
C PRO A 172 31.18 -5.50 13.20
N GLY A 173 29.95 -5.95 13.41
CA GLY A 173 28.78 -5.23 12.95
C GLY A 173 28.38 -5.53 11.52
N GLY A 174 29.20 -6.29 10.78
CA GLY A 174 28.93 -6.60 9.39
C GLY A 174 28.12 -7.85 9.14
N LEU A 175 27.85 -8.65 10.18
CA LEU A 175 26.93 -9.78 10.14
C LEU A 175 27.46 -10.98 9.35
N GLY A 176 28.36 -10.74 8.40
CA GLY A 176 28.83 -11.84 7.58
C GLY A 176 27.70 -12.46 6.78
N VAL A 177 27.66 -13.79 6.76
CA VAL A 177 26.64 -14.52 6.01
C VAL A 177 25.23 -14.14 6.45
N PHE A 178 25.09 -13.54 7.64
CA PHE A 178 23.79 -13.07 8.08
C PHE A 178 23.34 -11.79 7.40
N ASP A 179 24.23 -11.12 6.65
CA ASP A 179 23.81 -9.95 5.89
C ASP A 179 22.73 -10.32 4.87
N PRO A 180 22.94 -11.29 3.96
CA PRO A 180 21.79 -11.80 3.19
C PRO A 180 20.93 -12.77 3.99
N GLY A 181 21.50 -13.43 4.99
CA GLY A 181 20.72 -14.38 5.77
C GLY A 181 19.55 -13.73 6.48
N ILE A 182 19.71 -12.48 6.91
CA ILE A 182 18.62 -11.77 7.57
C ILE A 182 17.50 -11.43 6.61
N ASN A 183 17.74 -11.49 5.29
CA ASN A 183 16.65 -11.35 4.33
C ASN A 183 15.67 -12.51 4.47
N ALA A 184 16.19 -13.73 4.57
CA ALA A 184 15.33 -14.90 4.79
C ALA A 184 14.52 -14.76 6.07
N LEU A 185 15.18 -14.33 7.15
CA LEU A 185 14.49 -14.18 8.43
C LEU A 185 13.43 -13.09 8.38
N SER A 186 13.66 -12.03 7.60
CA SER A 186 12.63 -10.99 7.47
C SER A 186 11.40 -11.54 6.75
N ILE A 187 11.59 -12.44 5.78
CA ILE A 187 10.45 -13.09 5.14
C ILE A 187 9.76 -14.04 6.11
N VAL A 188 10.55 -14.87 6.79
CA VAL A 188 10.00 -15.88 7.70
C VAL A 188 9.17 -15.21 8.80
N THR A 189 9.68 -14.11 9.37
CA THR A 189 8.93 -13.45 10.43
C THR A 189 7.70 -12.71 9.93
N ARG A 190 7.58 -12.50 8.62
CA ARG A 190 6.37 -11.88 8.08
C ARG A 190 5.31 -12.89 7.68
N ILE A 191 5.72 -14.07 7.20
CA ILE A 191 4.74 -15.07 6.74
C ILE A 191 4.25 -15.99 7.86
N LEU A 192 5.04 -16.18 8.92
CA LEU A 192 4.56 -17.03 10.01
C LEU A 192 3.66 -16.23 10.94
N PRO A 193 2.55 -16.81 11.40
CA PRO A 193 1.61 -16.03 12.23
C PRO A 193 2.09 -15.82 13.66
N ARG A 194 3.08 -16.55 14.13
CA ARG A 194 3.48 -16.52 15.54
C ARG A 194 4.99 -16.39 15.67
N GLU A 195 5.43 -15.84 16.79
CA GLU A 195 6.80 -15.39 16.99
C GLU A 195 7.77 -16.57 17.08
N LEU A 196 9.03 -16.28 16.78
CA LEU A 196 10.12 -17.24 16.80
C LEU A 196 10.95 -17.10 18.08
N VAL A 197 11.58 -18.20 18.47
CA VAL A 197 12.53 -18.24 19.57
C VAL A 197 13.67 -19.18 19.19
N LEU A 198 14.90 -18.73 19.36
CA LEU A 198 16.05 -19.57 19.01
C LEU A 198 16.26 -20.66 20.05
N ARG A 199 16.57 -21.86 19.58
CA ARG A 199 16.90 -23.00 20.43
C ARG A 199 18.38 -23.37 20.37
N GLU A 200 19.01 -23.22 19.22
CA GLU A 200 20.45 -23.42 19.09
C GLU A 200 20.91 -22.76 17.80
N ALA A 201 22.20 -22.46 17.75
CA ALA A 201 22.79 -21.92 16.54
C ALA A 201 24.24 -22.38 16.47
N THR A 202 24.75 -22.47 15.25
CA THR A 202 26.15 -22.76 15.00
C THR A 202 26.65 -21.75 13.99
N LEU A 203 27.71 -21.02 14.35
CA LEU A 203 28.32 -20.03 13.46
C LEU A 203 29.69 -20.55 13.04
N ILE A 204 29.94 -20.58 11.74
CA ILE A 204 31.20 -21.04 11.20
C ILE A 204 31.99 -19.82 10.72
N VAL A 205 33.15 -19.60 11.31
CA VAL A 205 33.90 -18.36 11.18
C VAL A 205 35.27 -18.68 10.61
N PRO A 206 35.60 -18.18 9.41
CA PRO A 206 36.98 -18.30 8.93
C PRO A 206 37.95 -17.59 9.88
N SER A 207 39.16 -18.14 9.99
CA SER A 207 40.13 -17.70 10.98
C SER A 207 40.71 -16.31 10.68
N ASP A 208 40.35 -15.70 9.56
CA ASP A 208 40.87 -14.39 9.18
C ASP A 208 39.81 -13.31 9.17
N VAL A 209 38.58 -13.63 9.61
CA VAL A 209 37.49 -12.66 9.62
C VAL A 209 36.83 -12.69 11.00
N GLN A 210 35.96 -11.72 11.22
CA GLN A 210 35.28 -11.57 12.50
C GLN A 210 33.81 -11.93 12.45
N THR A 211 33.27 -12.25 11.28
CA THR A 211 31.87 -12.59 11.08
C THR A 211 31.75 -13.96 10.42
N PRO A 212 30.63 -14.65 10.60
CA PRO A 212 30.52 -16.02 10.07
C PRO A 212 30.35 -16.05 8.56
N ILE A 213 30.93 -17.10 7.95
CA ILE A 213 30.72 -17.37 6.54
C ILE A 213 29.57 -18.35 6.32
N ALA A 214 29.22 -19.15 7.31
CA ALA A 214 28.08 -20.04 7.24
C ALA A 214 27.49 -20.17 8.64
N ALA A 215 26.22 -20.55 8.70
CA ALA A 215 25.55 -20.64 9.99
C ALA A 215 24.36 -21.56 9.87
N GLU A 216 23.94 -22.10 11.00
CA GLU A 216 22.78 -22.97 11.11
C GLU A 216 21.97 -22.54 12.31
N LEU A 217 20.70 -22.20 12.08
CA LEU A 217 19.79 -21.74 13.11
C LEU A 217 18.65 -22.73 13.26
N ASP A 218 18.31 -23.08 14.50
CA ASP A 218 17.17 -23.94 14.78
C ASP A 218 16.30 -23.27 15.81
N CYS A 219 15.15 -22.77 15.38
CA CYS A 219 14.19 -22.06 16.22
C CYS A 219 12.90 -22.86 16.32
N ALA A 220 11.94 -22.28 17.03
CA ALA A 220 10.59 -22.82 17.09
C ALA A 220 9.64 -21.64 17.28
N ASP A 221 8.48 -21.72 16.65
CA ASP A 221 7.47 -20.72 16.94
C ASP A 221 6.87 -21.00 18.32
N THR A 222 6.01 -20.12 18.80
CA THR A 222 5.52 -20.24 20.17
C THR A 222 4.65 -21.48 20.39
N ASP A 223 4.25 -22.17 19.32
CA ASP A 223 3.55 -23.44 19.44
C ASP A 223 4.47 -24.65 19.26
N GLY A 224 5.78 -24.43 19.13
CA GLY A 224 6.71 -25.52 18.98
C GLY A 224 6.99 -25.95 17.56
N VAL A 225 6.49 -25.23 16.56
CA VAL A 225 6.77 -25.55 15.16
C VAL A 225 8.26 -25.34 14.90
N PRO A 226 9.00 -26.39 14.56
CA PRO A 226 10.44 -26.22 14.34
C PRO A 226 10.72 -25.40 13.08
N VAL A 227 11.75 -24.55 13.16
CA VAL A 227 12.18 -23.71 12.06
C VAL A 227 13.69 -23.88 11.94
N ARG A 228 14.13 -24.67 10.96
CA ARG A 228 15.55 -24.91 10.72
C ARG A 228 16.01 -24.05 9.55
N ALA A 229 17.15 -23.39 9.71
CA ALA A 229 17.67 -22.49 8.68
C ALA A 229 19.15 -22.73 8.48
N GLU A 230 19.57 -22.83 7.22
CA GLU A 230 20.98 -22.99 6.86
C GLU A 230 21.39 -21.82 5.98
N PHE A 231 22.47 -21.15 6.37
CA PHE A 231 23.04 -20.03 5.62
C PHE A 231 24.47 -20.38 5.23
N ASP A 232 24.85 -20.05 4.00
CA ASP A 232 26.21 -20.35 3.56
C ASP A 232 26.62 -19.38 2.46
N TRP A 233 27.85 -18.87 2.57
CA TRP A 233 28.44 -18.03 1.54
C TRP A 233 29.44 -18.77 0.66
N ARG A 234 29.72 -20.03 0.98
CA ARG A 234 30.47 -20.90 0.07
C ARG A 234 29.45 -21.65 -0.78
N HIS A 235 29.42 -21.34 -2.07
CA HIS A 235 28.38 -21.89 -2.94
C HIS A 235 28.82 -21.74 -4.38
N GLY A 236 28.16 -22.50 -5.26
CA GLY A 236 28.38 -22.40 -6.68
C GLY A 236 27.76 -21.13 -7.24
N PRO A 237 27.74 -21.01 -8.57
CA PRO A 237 27.32 -19.76 -9.21
C PRO A 237 25.82 -19.50 -9.21
N VAL A 238 24.99 -20.47 -8.83
CA VAL A 238 23.54 -20.28 -8.80
C VAL A 238 23.08 -20.24 -7.34
N GLU A 239 22.28 -19.23 -7.01
CA GLU A 239 21.82 -19.07 -5.63
C GLU A 239 20.77 -20.11 -5.27
N GLN A 240 20.73 -20.46 -3.99
CA GLN A 240 19.63 -21.21 -3.39
C GLN A 240 19.05 -20.34 -2.29
N TRP A 241 17.94 -19.67 -2.58
CA TRP A 241 17.23 -18.79 -1.63
C TRP A 241 15.81 -19.33 -1.51
N GLU A 242 15.59 -20.28 -0.60
CA GLU A 242 14.28 -20.91 -0.54
C GLU A 242 13.79 -21.04 0.90
N ILE A 243 12.47 -21.02 1.03
CA ILE A 243 11.77 -21.22 2.29
C ILE A 243 10.63 -22.18 2.03
N ALA A 244 10.61 -23.29 2.76
CA ALA A 244 9.59 -24.32 2.59
C ALA A 244 8.83 -24.50 3.89
N VAL A 245 7.50 -24.41 3.82
CA VAL A 245 6.62 -24.49 4.98
C VAL A 245 5.74 -25.71 4.80
N ASP A 246 5.94 -26.73 5.63
CA ASP A 246 5.12 -27.93 5.59
C ASP A 246 3.80 -27.68 6.33
N THR A 247 2.69 -27.99 5.67
CA THR A 247 1.36 -27.69 6.17
C THR A 247 0.49 -28.93 6.01
N ALA A 248 -0.57 -29.01 6.84
CA ALA A 248 -1.56 -30.08 6.69
C ALA A 248 -2.24 -30.07 5.31
N ASP A 249 -2.08 -29.01 4.54
CA ASP A 249 -2.61 -28.88 3.19
C ASP A 249 -1.52 -28.96 2.12
N GLY A 250 -0.35 -29.49 2.47
CA GLY A 250 0.76 -29.55 1.54
C GLY A 250 1.80 -28.48 1.81
N VAL A 251 2.82 -28.45 0.95
CA VAL A 251 4.01 -27.64 1.15
C VAL A 251 3.88 -26.31 0.40
N LEU A 252 4.10 -25.21 1.11
CA LEU A 252 4.29 -23.92 0.48
C LEU A 252 5.77 -23.68 0.29
N ALA A 253 6.17 -23.39 -0.96
CA ALA A 253 7.58 -23.35 -1.33
C ALA A 253 7.91 -21.99 -1.96
N ILE A 254 8.58 -21.13 -1.21
CA ILE A 254 9.11 -19.87 -1.73
C ILE A 254 10.54 -20.10 -2.19
N SER A 255 10.83 -19.71 -3.43
CA SER A 255 12.17 -19.84 -3.98
C SER A 255 12.56 -18.54 -4.67
N ARG A 256 13.81 -18.50 -5.13
CA ARG A 256 14.37 -17.32 -5.80
C ARG A 256 14.17 -16.05 -4.97
N GLY A 257 14.47 -16.17 -3.68
CA GLY A 257 14.44 -15.04 -2.77
C GLY A 257 13.11 -14.35 -2.62
N GLY A 258 12.03 -15.00 -3.03
CA GLY A 258 10.69 -14.43 -2.95
C GLY A 258 10.06 -14.11 -4.28
N ALA A 259 10.75 -14.37 -5.40
CA ALA A 259 10.20 -14.13 -6.71
C ALA A 259 9.42 -15.31 -7.28
N GLN A 260 9.42 -16.45 -6.59
CA GLN A 260 8.79 -17.66 -7.10
C GLN A 260 8.09 -18.38 -5.96
N LEU A 261 6.84 -18.77 -6.20
CA LEU A 261 6.02 -19.37 -5.16
C LEU A 261 5.27 -20.57 -5.72
N SER A 262 5.28 -21.67 -4.98
CA SER A 262 4.51 -22.86 -5.30
C SER A 262 3.78 -23.31 -4.05
N ILE A 263 2.51 -23.70 -4.22
CA ILE A 263 1.66 -24.11 -3.11
C ILE A 263 1.06 -25.47 -3.44
N ALA A 264 1.39 -26.48 -2.62
CA ALA A 264 0.94 -27.85 -2.82
C ALA A 264 1.35 -28.37 -4.20
N GLY A 265 2.56 -28.02 -4.63
CA GLY A 265 3.11 -28.50 -5.87
C GLY A 265 2.67 -27.77 -7.12
N GLU A 266 1.79 -26.77 -7.00
CA GLU A 266 1.34 -26.03 -8.16
C GLU A 266 1.87 -24.60 -8.11
N PRO A 267 2.43 -24.10 -9.20
CA PRO A 267 2.99 -22.74 -9.17
C PRO A 267 1.92 -21.68 -9.02
N VAL A 268 2.28 -20.59 -8.36
CA VAL A 268 1.39 -19.45 -8.15
C VAL A 268 1.92 -18.30 -9.01
N GLU A 269 1.02 -17.66 -9.76
CA GLU A 269 1.43 -16.54 -10.60
C GLU A 269 1.57 -15.28 -9.74
N LEU A 270 2.69 -14.59 -9.90
CA LEU A 270 3.03 -13.43 -9.09
C LEU A 270 3.26 -12.22 -9.98
N GLY A 271 2.96 -11.04 -9.44
CA GLY A 271 3.32 -9.81 -10.10
C GLY A 271 4.82 -9.66 -10.17
N PRO A 272 5.30 -8.74 -10.98
CA PRO A 272 6.75 -8.57 -11.12
C PRO A 272 7.36 -8.06 -9.82
N GLU A 273 8.64 -8.38 -9.63
CA GLU A 273 9.36 -7.94 -8.45
C GLU A 273 9.53 -6.43 -8.47
N ARG A 274 9.04 -5.75 -7.43
CA ARG A 274 9.16 -4.31 -7.29
C ARG A 274 9.43 -3.97 -5.83
N GLU A 275 10.48 -4.58 -5.27
CA GLU A 275 10.74 -4.46 -3.84
C GLU A 275 10.98 -3.00 -3.44
N TYR A 276 11.86 -2.32 -4.15
CA TYR A 276 12.27 -0.99 -3.72
C TYR A 276 11.24 0.09 -4.05
N PRO A 277 10.52 0.02 -5.17
CA PRO A 277 9.36 0.91 -5.31
C PRO A 277 8.36 0.75 -4.17
N ALA A 278 8.10 -0.50 -3.74
CA ALA A 278 7.20 -0.72 -2.61
C ALA A 278 7.74 -0.07 -1.34
N LEU A 279 9.02 -0.27 -1.05
CA LEU A 279 9.63 0.37 0.12
C LEU A 279 9.42 1.88 0.09
N TYR A 280 9.73 2.52 -1.04
CA TYR A 280 9.64 3.96 -1.10
C TYR A 280 8.19 4.44 -1.08
N ALA A 281 7.27 3.67 -1.67
CA ALA A 281 5.86 3.99 -1.51
C ALA A 281 5.44 3.92 -0.05
N HIS A 282 6.00 2.96 0.70
CA HIS A 282 5.67 2.85 2.12
C HIS A 282 6.33 3.96 2.93
N PHE A 283 7.56 4.33 2.57
CA PHE A 283 8.22 5.46 3.23
C PHE A 283 7.38 6.73 3.08
N HIS A 284 6.86 6.97 1.88
CA HIS A 284 6.04 8.16 1.65
C HIS A 284 4.75 8.11 2.46
N ALA A 285 4.11 6.94 2.51
CA ALA A 285 2.88 6.80 3.27
C ALA A 285 3.11 7.06 4.76
N LEU A 286 4.19 6.51 5.32
CA LEU A 286 4.47 6.70 6.73
C LEU A 286 4.69 8.17 7.06
N ILE A 287 5.38 8.89 6.18
CA ILE A 287 5.59 10.34 6.38
C ILE A 287 4.25 11.06 6.37
N ALA A 288 3.40 10.76 5.39
CA ALA A 288 2.11 11.41 5.31
C ALA A 288 1.25 11.11 6.53
N ARG A 289 1.30 9.87 7.03
CA ARG A 289 0.55 9.50 8.23
C ARG A 289 1.22 9.98 9.51
N GLY A 290 2.48 10.44 9.44
CA GLY A 290 3.20 10.80 10.64
C GLY A 290 3.44 9.59 11.52
N GLU A 291 3.89 8.49 10.92
CA GLU A 291 4.09 7.24 11.62
C GLU A 291 5.49 6.69 11.34
N SER A 292 5.93 5.78 12.20
CA SER A 292 7.18 5.05 12.04
C SER A 292 6.89 3.57 11.82
N ASP A 293 7.92 2.85 11.37
CA ASP A 293 7.80 1.42 11.08
C ASP A 293 9.18 0.80 11.33
N VAL A 294 9.37 0.29 12.55
CA VAL A 294 10.67 -0.21 13.02
C VAL A 294 10.44 -1.60 13.59
N ASP A 295 10.66 -2.63 12.77
CA ASP A 295 10.54 -4.02 13.19
C ASP A 295 11.94 -4.60 13.27
N VAL A 296 12.39 -4.89 14.51
CA VAL A 296 13.73 -5.39 14.73
C VAL A 296 13.76 -6.90 14.92
N ARG A 297 12.62 -7.57 14.89
CA ARG A 297 12.58 -9.01 15.12
C ARG A 297 13.57 -9.80 14.28
N PRO A 298 13.80 -9.52 12.99
CA PRO A 298 14.84 -10.26 12.27
C PRO A 298 16.23 -10.07 12.85
N LEU A 299 16.57 -8.85 13.28
CA LEU A 299 17.88 -8.60 13.87
C LEU A 299 17.97 -9.17 15.28
N ARG A 300 16.87 -9.13 16.03
CA ARG A 300 16.86 -9.72 17.37
C ARG A 300 17.17 -11.21 17.32
N LEU A 301 16.66 -11.90 16.30
CA LEU A 301 16.95 -13.33 16.17
C LEU A 301 18.42 -13.56 15.79
N VAL A 302 18.97 -12.69 14.95
CA VAL A 302 20.40 -12.79 14.61
C VAL A 302 21.25 -12.51 15.84
N ALA A 303 20.84 -11.53 16.66
CA ALA A 303 21.56 -11.27 17.90
C ALA A 303 21.51 -12.47 18.84
N ASP A 304 20.33 -13.09 18.97
CA ASP A 304 20.25 -14.30 19.79
C ASP A 304 21.16 -15.40 19.25
N ALA A 305 21.32 -15.48 17.93
CA ALA A 305 22.24 -16.46 17.35
C ALA A 305 23.68 -16.18 17.73
N PHE A 306 24.09 -14.90 17.70
CA PHE A 306 25.45 -14.56 18.13
C PHE A 306 25.62 -14.75 19.64
N LEU A 307 24.56 -14.48 20.41
CA LEU A 307 24.64 -14.59 21.86
C LEU A 307 24.65 -16.03 22.31
N PHE A 308 23.79 -16.88 21.73
CA PHE A 308 23.58 -18.23 22.22
C PHE A 308 24.28 -19.31 21.40
N GLY A 309 24.79 -18.97 20.22
CA GLY A 309 25.24 -19.98 19.28
C GLY A 309 26.68 -20.45 19.48
N ARG A 310 26.90 -21.71 19.15
CA ARG A 310 28.25 -22.25 19.16
C ARG A 310 29.07 -21.65 18.02
N ARG A 311 30.34 -21.38 18.28
CA ARG A 311 31.25 -20.78 17.31
C ARG A 311 32.31 -21.80 16.93
N VAL A 312 32.36 -22.16 15.64
CA VAL A 312 33.31 -23.13 15.13
C VAL A 312 34.20 -22.45 14.11
N GLN A 313 35.50 -22.71 14.19
CA GLN A 313 36.48 -22.12 13.29
C GLN A 313 36.59 -22.95 12.01
N THR A 314 36.89 -22.26 10.91
CA THR A 314 37.16 -22.89 9.63
C THR A 314 38.32 -22.17 8.97
N ASP A 315 38.82 -22.74 7.87
CA ASP A 315 40.02 -22.21 7.23
C ASP A 315 39.74 -20.82 6.64
N ALA A 316 40.84 -20.10 6.40
CA ALA A 316 40.75 -18.70 6.00
C ALA A 316 40.07 -18.53 4.64
N PHE A 317 39.59 -17.33 4.41
CA PHE A 317 38.89 -16.93 3.19
C PHE A 317 39.77 -15.96 2.40
N GLY A 318 39.55 -15.91 1.09
CA GLY A 318 40.42 -15.13 0.23
C GLY A 318 40.20 -13.63 0.27
N ARG A 319 40.54 -12.99 1.39
CA ARG A 319 40.43 -11.54 1.51
C ARG A 319 41.76 -10.86 1.84
N GLN B 14 -4.32 -10.80 50.59
CA GLN B 14 -2.92 -11.14 50.35
C GLN B 14 -2.79 -12.09 49.16
N VAL B 15 -1.54 -12.38 48.78
CA VAL B 15 -1.23 -13.04 47.51
C VAL B 15 -0.59 -14.39 47.79
N SER B 16 -1.27 -15.46 47.35
CA SER B 16 -0.70 -16.80 47.48
C SER B 16 0.43 -16.98 46.47
N LEU B 17 1.50 -17.66 46.88
CA LEU B 17 2.74 -17.65 46.13
C LEU B 17 3.38 -19.03 46.09
N GLY B 18 3.95 -19.37 44.95
CA GLY B 18 4.74 -20.58 44.81
C GLY B 18 6.15 -20.26 44.38
N VAL B 19 7.10 -21.11 44.79
CA VAL B 19 8.51 -20.94 44.48
C VAL B 19 9.00 -22.19 43.77
N VAL B 20 9.72 -22.01 42.66
CA VAL B 20 10.16 -23.11 41.81
C VAL B 20 11.68 -23.08 41.72
N GLY B 21 12.31 -24.22 42.00
CA GLY B 21 13.76 -24.32 41.98
C GLY B 21 14.37 -23.94 43.31
N ILE B 22 14.38 -24.87 44.26
CA ILE B 22 14.82 -24.57 45.62
C ILE B 22 16.30 -24.92 45.70
N GLY B 23 17.12 -24.00 45.23
CA GLY B 23 18.56 -24.06 45.39
C GLY B 23 19.02 -23.19 46.54
N LYS B 24 20.33 -22.94 46.59
CA LYS B 24 20.92 -22.25 47.74
C LYS B 24 20.33 -20.86 47.91
N ILE B 25 20.22 -20.08 46.83
CA ILE B 25 19.74 -18.71 46.99
C ILE B 25 18.24 -18.65 47.18
N ALA B 26 17.50 -19.68 46.75
CA ALA B 26 16.12 -19.82 47.23
C ALA B 26 16.10 -20.02 48.74
N ARG B 27 16.99 -20.87 49.24
CA ARG B 27 17.07 -21.11 50.68
C ARG B 27 17.57 -19.87 51.42
N ASP B 28 18.60 -19.21 50.87
CA ASP B 28 19.28 -18.13 51.58
C ASP B 28 18.59 -16.78 51.43
N GLN B 29 17.96 -16.51 50.30
CA GLN B 29 17.45 -15.17 50.01
C GLN B 29 15.96 -15.14 49.73
N HIS B 30 15.46 -16.04 48.89
CA HIS B 30 14.05 -15.97 48.50
C HIS B 30 13.13 -16.31 49.66
N LEU B 31 13.27 -17.51 50.22
CA LEU B 31 12.36 -17.93 51.29
C LEU B 31 12.40 -17.01 52.51
N PRO B 32 13.57 -16.64 53.06
CA PRO B 32 13.54 -15.67 54.17
C PRO B 32 12.88 -14.36 53.80
N ALA B 33 13.11 -13.85 52.59
CA ALA B 33 12.44 -12.63 52.16
C ALA B 33 10.92 -12.81 52.11
N ILE B 34 10.47 -13.96 51.61
CA ILE B 34 9.03 -14.22 51.51
C ILE B 34 8.42 -14.36 52.91
N ASP B 35 9.05 -15.17 53.76
CA ASP B 35 8.52 -15.41 55.10
C ASP B 35 8.44 -14.13 55.93
N ALA B 36 9.17 -13.09 55.53
CA ALA B 36 9.21 -11.84 56.27
C ALA B 36 8.26 -10.78 55.74
N GLU B 37 7.56 -11.03 54.63
CA GLU B 37 6.58 -10.06 54.13
C GLU B 37 5.18 -10.65 54.12
N PRO B 38 4.28 -10.16 54.98
CA PRO B 38 2.94 -10.75 55.07
C PRO B 38 2.11 -10.58 53.81
N GLY B 39 2.52 -9.73 52.87
CA GLY B 39 1.75 -9.58 51.65
C GLY B 39 1.62 -10.86 50.87
N PHE B 40 2.56 -11.78 51.04
CA PHE B 40 2.55 -13.08 50.39
C PHE B 40 2.26 -14.19 51.39
N LYS B 41 1.55 -15.21 50.93
CA LYS B 41 1.36 -16.46 51.67
C LYS B 41 2.04 -17.55 50.86
N LEU B 42 3.20 -18.02 51.36
CA LEU B 42 3.90 -19.11 50.68
C LEU B 42 3.03 -20.36 50.73
N THR B 43 2.52 -20.78 49.58
CA THR B 43 1.57 -21.88 49.48
C THR B 43 2.19 -23.18 49.03
N ALA B 44 3.05 -23.15 48.02
CA ALA B 44 3.62 -24.38 47.49
C ALA B 44 5.02 -24.11 46.96
N CYS B 45 5.79 -25.19 46.83
CA CYS B 45 7.10 -25.12 46.20
C CYS B 45 7.29 -26.33 45.31
N ALA B 46 7.78 -26.10 44.11
CA ALA B 46 8.17 -27.17 43.19
C ALA B 46 9.69 -27.26 43.15
N SER B 47 10.21 -28.49 43.17
CA SER B 47 11.63 -28.75 42.97
C SER B 47 11.91 -30.24 42.98
N ARG B 48 12.86 -30.68 42.15
CA ARG B 48 13.08 -32.11 41.93
C ARG B 48 13.84 -32.76 43.07
N HIS B 49 14.79 -32.06 43.68
CA HIS B 49 15.68 -32.65 44.68
C HIS B 49 15.66 -31.89 46.00
N ALA B 50 14.51 -31.31 46.37
CA ALA B 50 14.43 -30.55 47.60
C ALA B 50 12.97 -30.32 47.96
N GLU B 51 12.67 -30.34 49.26
CA GLU B 51 11.34 -30.10 49.78
C GLU B 51 11.40 -29.00 50.82
N VAL B 52 10.34 -28.21 50.92
CA VAL B 52 10.28 -27.08 51.85
C VAL B 52 9.28 -27.42 52.93
N THR B 53 9.78 -27.54 54.17
CA THR B 53 8.94 -27.79 55.33
C THR B 53 7.83 -26.75 55.43
N GLY B 54 6.64 -27.18 55.84
CA GLY B 54 5.56 -26.28 56.17
C GLY B 54 4.62 -25.94 55.03
N VAL B 55 4.95 -26.32 53.79
CA VAL B 55 4.09 -26.04 52.65
C VAL B 55 3.99 -27.31 51.80
N ARG B 56 3.01 -27.33 50.91
CA ARG B 56 2.88 -28.41 49.95
C ARG B 56 4.04 -28.39 48.97
N ASN B 57 4.48 -29.59 48.57
CA ASN B 57 5.67 -29.72 47.73
C ASN B 57 5.36 -30.55 46.50
N TYR B 58 5.87 -30.08 45.36
CA TYR B 58 5.74 -30.77 44.09
C TYR B 58 7.13 -30.92 43.48
N ARG B 59 7.26 -31.85 42.55
CA ARG B 59 8.54 -32.08 41.90
C ARG B 59 8.71 -31.29 40.60
N ASP B 60 7.63 -30.68 40.10
CA ASP B 60 7.72 -29.81 38.93
C ASP B 60 6.55 -28.84 38.95
N LEU B 61 6.63 -27.84 38.08
CA LEU B 61 5.65 -26.77 38.07
C LEU B 61 4.30 -27.19 37.49
N ARG B 62 4.31 -28.11 36.51
CA ARG B 62 3.04 -28.56 35.92
C ARG B 62 2.16 -29.22 36.97
N ALA B 63 2.74 -30.09 37.79
CA ALA B 63 1.96 -30.71 38.86
C ALA B 63 1.48 -29.67 39.84
N LEU B 64 2.35 -28.73 40.22
CA LEU B 64 1.97 -27.65 41.13
C LEU B 64 0.83 -26.83 40.54
N LEU B 65 0.95 -26.43 39.28
CA LEU B 65 -0.07 -25.61 38.65
C LEU B 65 -1.40 -26.35 38.52
N ALA B 66 -1.35 -27.66 38.31
CA ALA B 66 -2.59 -28.44 38.20
C ALA B 66 -3.28 -28.57 39.54
N ALA B 67 -2.51 -28.71 40.62
CA ALA B 67 -3.08 -28.94 41.95
C ALA B 67 -3.47 -27.66 42.67
N GLU B 68 -2.64 -26.61 42.59
CA GLU B 68 -2.89 -25.35 43.29
C GLU B 68 -3.66 -24.42 42.36
N ARG B 69 -4.98 -24.46 42.45
CA ARG B 69 -5.82 -23.65 41.56
C ARG B 69 -6.25 -22.33 42.18
N GLU B 70 -6.09 -22.15 43.49
CA GLU B 70 -6.26 -20.85 44.13
C GLU B 70 -4.96 -20.05 44.15
N LEU B 71 -3.90 -20.56 43.53
CA LEU B 71 -2.61 -19.90 43.56
C LEU B 71 -2.63 -18.63 42.70
N ASP B 72 -2.04 -17.57 43.21
CA ASP B 72 -2.06 -16.27 42.56
C ASP B 72 -0.80 -15.98 41.76
N ALA B 73 0.37 -16.36 42.26
CA ALA B 73 1.63 -15.98 41.65
C ALA B 73 2.68 -17.04 41.94
N VAL B 74 3.77 -16.97 41.19
CA VAL B 74 4.91 -17.87 41.38
C VAL B 74 6.20 -17.11 41.07
N SER B 75 7.26 -17.41 41.82
CA SER B 75 8.57 -16.84 41.61
C SER B 75 9.53 -17.96 41.18
N LEU B 76 10.27 -17.72 40.11
CA LEU B 76 11.05 -18.77 39.44
C LEU B 76 12.54 -18.54 39.71
N CYS B 77 13.19 -19.54 40.29
CA CYS B 77 14.58 -19.45 40.72
C CYS B 77 15.51 -20.41 39.98
N ALA B 78 15.01 -21.16 39.01
CA ALA B 78 15.86 -22.08 38.25
C ALA B 78 16.74 -21.32 37.28
N PRO B 79 17.77 -21.94 36.72
CA PRO B 79 18.60 -21.27 35.71
C PRO B 79 17.76 -20.84 34.53
N PRO B 80 18.20 -19.82 33.78
CA PRO B 80 17.35 -19.26 32.71
C PRO B 80 17.09 -20.24 31.58
N GLN B 81 17.91 -21.28 31.43
CA GLN B 81 17.75 -22.20 30.30
C GLN B 81 16.47 -23.03 30.44
N VAL B 82 16.02 -23.28 31.67
CA VAL B 82 14.77 -24.00 31.89
C VAL B 82 13.65 -23.06 32.33
N ARG B 83 13.95 -21.80 32.60
CA ARG B 83 12.96 -20.90 33.20
C ARG B 83 11.91 -20.48 32.18
N TYR B 84 12.27 -20.39 30.90
CA TYR B 84 11.31 -19.91 29.90
C TYR B 84 10.09 -20.82 29.81
N ALA B 85 10.31 -22.14 29.73
CA ALA B 85 9.19 -23.06 29.67
C ALA B 85 8.35 -23.00 30.94
N GLN B 86 8.99 -22.86 32.10
CA GLN B 86 8.25 -22.70 33.35
C GLN B 86 7.44 -21.41 33.35
N ALA B 87 8.05 -20.31 32.90
CA ALA B 87 7.36 -19.02 32.89
C ALA B 87 6.18 -19.03 31.94
N ARG B 88 6.35 -19.62 30.75
CA ARG B 88 5.23 -19.77 29.82
C ARG B 88 4.09 -20.55 30.46
N ALA B 89 4.40 -21.70 31.06
CA ALA B 89 3.35 -22.53 31.66
C ALA B 89 2.62 -21.79 32.77
N ALA B 90 3.35 -21.02 33.58
CA ALA B 90 2.73 -20.27 34.66
C ALA B 90 1.81 -19.18 34.12
N LEU B 91 2.22 -18.50 33.04
CA LEU B 91 1.40 -17.44 32.48
C LEU B 91 0.16 -17.99 31.80
N GLU B 92 0.28 -19.12 31.09
CA GLU B 92 -0.91 -19.77 30.54
C GLU B 92 -1.85 -20.21 31.64
N ALA B 93 -1.31 -20.57 32.81
CA ALA B 93 -2.12 -20.93 33.97
C ALA B 93 -2.77 -19.72 34.62
N GLY B 94 -2.46 -18.51 34.17
CA GLY B 94 -3.04 -17.32 34.76
C GLY B 94 -2.35 -16.84 36.02
N LYS B 95 -1.07 -17.16 36.20
CA LYS B 95 -0.34 -16.79 37.42
C LYS B 95 0.61 -15.62 37.14
N HIS B 96 0.70 -14.70 38.09
CA HIS B 96 1.74 -13.68 38.05
C HIS B 96 3.10 -14.34 38.21
N VAL B 97 4.11 -13.82 37.51
CA VAL B 97 5.40 -14.47 37.41
C VAL B 97 6.50 -13.50 37.81
N MET B 98 7.40 -13.95 38.67
CA MET B 98 8.61 -13.24 39.03
C MET B 98 9.80 -14.08 38.57
N LEU B 99 10.77 -13.46 37.91
CA LEU B 99 11.90 -14.16 37.34
C LEU B 99 13.21 -13.74 37.99
N GLU B 100 14.07 -14.71 38.28
CA GLU B 100 15.46 -14.42 38.60
C GLU B 100 16.15 -13.84 37.36
N LYS B 101 17.37 -13.27 37.60
CA LYS B 101 18.08 -12.72 36.45
C LYS B 101 19.03 -13.75 35.85
N PRO B 102 19.31 -13.68 34.54
CA PRO B 102 18.66 -12.78 33.57
C PRO B 102 17.28 -13.28 33.20
N PRO B 103 16.41 -12.40 32.69
CA PRO B 103 15.02 -12.80 32.40
C PRO B 103 14.89 -13.87 31.31
N GLY B 104 15.97 -14.19 30.60
CA GLY B 104 15.88 -15.24 29.61
C GLY B 104 17.25 -15.61 29.09
N ALA B 105 17.30 -16.75 28.41
CA ALA B 105 18.52 -17.14 27.70
C ALA B 105 18.70 -16.34 26.42
N THR B 106 17.59 -15.94 25.78
CA THR B 106 17.61 -15.11 24.59
C THR B 106 16.59 -13.99 24.76
N LEU B 107 16.80 -12.91 24.01
CA LEU B 107 15.85 -11.80 24.03
C LEU B 107 14.50 -12.19 23.44
N GLY B 108 14.49 -13.12 22.48
CA GLY B 108 13.23 -13.60 21.96
C GLY B 108 12.37 -14.26 23.02
N GLU B 109 12.99 -15.05 23.90
CA GLU B 109 12.26 -15.67 25.00
C GLU B 109 11.55 -14.63 25.85
N VAL B 110 12.26 -13.56 26.22
CA VAL B 110 11.68 -12.56 27.10
C VAL B 110 10.55 -11.82 26.40
N ALA B 111 10.75 -11.47 25.13
CA ALA B 111 9.69 -10.78 24.39
C ALA B 111 8.42 -11.62 24.32
N VAL B 112 8.58 -12.94 24.18
CA VAL B 112 7.40 -13.82 24.13
C VAL B 112 6.66 -13.81 25.46
N LEU B 113 7.40 -13.93 26.57
CA LEU B 113 6.76 -13.91 27.88
C LEU B 113 6.06 -12.58 28.12
N GLU B 114 6.71 -11.47 27.73
CA GLU B 114 6.14 -10.15 27.96
C GLU B 114 4.81 -9.97 27.21
N ALA B 115 4.76 -10.42 25.96
CA ALA B 115 3.52 -10.32 25.20
C ALA B 115 2.46 -11.26 25.78
N LEU B 116 2.88 -12.42 26.28
CA LEU B 116 1.94 -13.36 26.89
C LEU B 116 1.36 -12.81 28.18
N ALA B 117 2.20 -12.19 29.02
CA ALA B 117 1.70 -11.60 30.26
C ALA B 117 0.78 -10.44 29.98
N ARG B 118 1.17 -9.56 29.04
CA ARG B 118 0.33 -8.43 28.67
C ARG B 118 -0.99 -8.88 28.07
N GLU B 119 -0.97 -10.01 27.34
CA GLU B 119 -2.20 -10.51 26.72
C GLU B 119 -3.21 -10.95 27.76
N ARG B 120 -2.75 -11.51 28.87
CA ARG B 120 -3.63 -12.03 29.91
C ARG B 120 -3.80 -11.07 31.08
N GLY B 121 -3.28 -9.85 30.98
CA GLY B 121 -3.37 -8.91 32.08
C GLY B 121 -2.61 -9.32 33.31
N LEU B 122 -1.56 -10.12 33.15
CA LEU B 122 -0.81 -10.68 34.27
C LEU B 122 0.48 -9.91 34.51
N THR B 123 0.95 -9.95 35.75
CA THR B 123 2.17 -9.27 36.14
C THR B 123 3.38 -10.14 35.81
N LEU B 124 4.32 -9.60 35.05
CA LEU B 124 5.60 -10.23 34.79
C LEU B 124 6.71 -9.32 35.31
N PHE B 125 7.61 -9.86 36.11
CA PHE B 125 8.63 -9.08 36.80
C PHE B 125 9.99 -9.73 36.55
N ALA B 126 10.80 -9.10 35.69
CA ALA B 126 12.19 -9.51 35.48
C ALA B 126 13.05 -8.78 36.51
N THR B 127 13.61 -9.54 37.45
CA THR B 127 14.34 -8.94 38.55
C THR B 127 15.82 -8.77 38.22
N TRP B 128 16.42 -7.77 38.85
CA TRP B 128 17.87 -7.55 38.86
C TRP B 128 18.21 -7.24 40.31
N HIS B 129 18.58 -8.27 41.08
CA HIS B 129 18.78 -8.08 42.51
C HIS B 129 19.83 -6.99 42.79
N SER B 130 20.84 -6.87 41.93
CA SER B 130 21.84 -5.82 42.14
C SER B 130 21.22 -4.43 42.13
N ARG B 131 20.15 -4.23 41.36
CA ARG B 131 19.49 -2.94 41.32
C ARG B 131 18.91 -2.55 42.67
N CYS B 132 18.73 -3.51 43.57
CA CYS B 132 18.16 -3.23 44.88
C CYS B 132 19.23 -2.99 45.94
N ALA B 133 20.50 -3.03 45.57
CA ALA B 133 21.57 -2.65 46.48
C ALA B 133 21.35 -1.22 46.98
N SER B 134 21.83 -0.96 48.21
CA SER B 134 21.46 0.26 48.91
C SER B 134 22.00 1.52 48.25
N ALA B 135 23.12 1.43 47.52
CA ALA B 135 23.68 2.61 46.90
C ALA B 135 22.93 3.04 45.64
N VAL B 136 22.05 2.20 45.10
CA VAL B 136 21.58 2.39 43.74
C VAL B 136 20.61 3.58 43.65
N GLU B 137 19.55 3.57 44.46
CA GLU B 137 18.61 4.68 44.40
C GLU B 137 19.22 6.02 44.81
N PRO B 138 20.03 6.13 45.87
CA PRO B 138 20.70 7.41 46.13
C PRO B 138 21.58 7.87 44.99
N ALA B 139 22.35 6.96 44.39
CA ALA B 139 23.20 7.33 43.25
C ALA B 139 22.35 7.83 42.09
N ARG B 140 21.22 7.18 41.83
CA ARG B 140 20.37 7.56 40.70
C ARG B 140 19.73 8.93 40.93
N GLU B 141 19.30 9.21 42.17
CA GLU B 141 18.68 10.49 42.47
C GLU B 141 19.68 11.64 42.38
N TRP B 142 20.95 11.37 42.70
CA TRP B 142 21.97 12.40 42.64
C TRP B 142 22.39 12.70 41.21
N LEU B 143 22.38 11.69 40.34
CA LEU B 143 22.85 11.84 38.97
C LEU B 143 21.78 12.29 37.99
N ALA B 144 20.51 12.27 38.39
CA ALA B 144 19.43 12.58 37.47
C ALA B 144 19.59 13.98 36.89
N THR B 145 20.04 14.93 37.71
CA THR B 145 20.02 16.35 37.38
C THR B 145 21.37 16.89 36.96
N ARG B 146 22.44 16.13 37.13
CA ARG B 146 23.79 16.67 37.04
C ARG B 146 24.42 16.37 35.69
N ALA B 147 25.41 17.19 35.33
CA ALA B 147 26.13 17.06 34.07
C ALA B 147 27.18 15.97 34.22
N ILE B 148 26.94 14.82 33.57
CA ILE B 148 27.86 13.68 33.64
C ILE B 148 28.89 13.80 32.53
N ARG B 149 30.15 13.55 32.87
CA ARG B 149 31.24 13.63 31.92
C ARG B 149 31.68 12.26 31.42
N ALA B 150 31.87 11.30 32.32
CA ALA B 150 32.32 9.98 31.91
C ALA B 150 31.90 8.96 32.96
N VAL B 151 31.89 7.69 32.55
CA VAL B 151 31.54 6.57 33.42
C VAL B 151 32.53 5.45 33.16
N GLN B 152 33.09 4.89 34.24
CA GLN B 152 33.97 3.75 34.14
C GLN B 152 33.48 2.64 35.05
N VAL B 153 33.48 1.42 34.55
CA VAL B 153 33.06 0.24 35.29
C VAL B 153 34.24 -0.72 35.37
N ARG B 154 34.66 -1.05 36.58
CA ARG B 154 35.77 -1.98 36.79
C ARG B 154 35.25 -3.20 37.52
N TRP B 155 35.33 -4.35 36.86
CA TRP B 155 34.91 -5.63 37.43
C TRP B 155 36.01 -6.64 37.18
N LYS B 156 36.73 -7.00 38.24
CA LYS B 156 37.73 -8.06 38.14
C LYS B 156 37.60 -8.99 39.33
N ALA B 157 37.80 -10.29 39.07
CA ALA B 157 37.75 -11.33 40.08
C ALA B 157 38.46 -12.54 39.51
N ASP B 158 38.59 -13.58 40.34
CA ASP B 158 39.23 -14.82 39.93
C ASP B 158 38.19 -15.92 39.80
N VAL B 159 38.24 -16.64 38.67
CA VAL B 159 37.24 -17.66 38.37
C VAL B 159 37.53 -18.97 39.09
N ARG B 160 38.78 -19.25 39.41
CA ARG B 160 39.13 -20.50 40.08
C ARG B 160 38.71 -20.54 41.55
N ARG B 161 37.99 -19.54 42.05
CA ARG B 161 37.54 -19.52 43.43
C ARG B 161 36.19 -18.83 43.56
N GLN B 166 31.56 -25.84 38.16
CA GLN B 166 30.96 -24.85 37.28
C GLN B 166 31.43 -25.01 35.84
N GLN B 167 30.52 -25.49 34.98
CA GLN B 167 30.81 -25.65 33.55
C GLN B 167 29.79 -25.01 32.63
N TRP B 168 28.55 -24.79 33.07
CA TRP B 168 27.53 -24.14 32.25
C TRP B 168 27.94 -22.75 31.79
N ILE B 169 28.87 -22.11 32.50
CA ILE B 169 29.30 -20.76 32.19
C ILE B 169 30.17 -20.71 30.94
N TRP B 170 30.81 -21.83 30.56
CA TRP B 170 31.72 -21.88 29.42
C TRP B 170 31.07 -22.47 28.17
N GLU B 171 29.75 -22.42 28.07
CA GLU B 171 29.05 -23.12 27.00
C GLU B 171 28.15 -22.15 26.26
N PRO B 172 27.79 -22.46 24.98
CA PRO B 172 27.00 -21.53 24.17
C PRO B 172 25.78 -20.97 24.90
N GLY B 173 25.72 -19.65 25.03
CA GLY B 173 24.69 -19.01 25.82
C GLY B 173 24.96 -18.96 27.30
N GLY B 174 26.12 -19.43 27.75
CA GLY B 174 26.48 -19.39 29.16
C GLY B 174 26.98 -18.05 29.66
N LEU B 175 27.23 -17.10 28.75
CA LEU B 175 27.56 -15.71 29.06
C LEU B 175 29.00 -15.53 29.55
N GLY B 176 29.57 -16.53 30.20
CA GLY B 176 30.94 -16.41 30.68
C GLY B 176 31.04 -15.34 31.75
N VAL B 177 32.00 -14.42 31.58
CA VAL B 177 32.22 -13.39 32.58
C VAL B 177 31.02 -12.44 32.66
N PHE B 178 30.15 -12.43 31.66
CA PHE B 178 28.94 -11.63 31.74
C PHE B 178 27.91 -12.22 32.69
N ASP B 179 28.09 -13.47 33.13
CA ASP B 179 27.19 -14.05 34.13
C ASP B 179 27.20 -13.25 35.42
N PRO B 180 28.35 -12.96 36.05
CA PRO B 180 28.33 -11.98 37.15
C PRO B 180 28.38 -10.55 36.65
N GLY B 181 29.02 -10.34 35.50
CA GLY B 181 29.23 -8.98 35.00
C GLY B 181 27.95 -8.23 34.71
N ILE B 182 26.87 -8.95 34.37
CA ILE B 182 25.62 -8.29 34.02
C ILE B 182 25.01 -7.57 35.23
N ASN B 183 25.35 -8.01 36.45
CA ASN B 183 24.85 -7.32 37.63
C ASN B 183 25.35 -5.88 37.69
N ALA B 184 26.64 -5.67 37.42
CA ALA B 184 27.17 -4.31 37.30
C ALA B 184 26.42 -3.54 36.22
N LEU B 185 26.15 -4.18 35.08
CA LEU B 185 25.43 -3.50 34.01
C LEU B 185 24.01 -3.16 34.41
N SER B 186 23.39 -3.97 35.27
CA SER B 186 22.04 -3.64 35.73
C SER B 186 22.04 -2.46 36.68
N ILE B 187 23.13 -2.23 37.40
CA ILE B 187 23.23 -1.03 38.22
C ILE B 187 23.55 0.19 37.36
N VAL B 188 24.46 0.03 36.40
CA VAL B 188 24.82 1.15 35.52
C VAL B 188 23.60 1.66 34.77
N THR B 189 22.85 0.75 34.14
CA THR B 189 21.67 1.15 33.37
C THR B 189 20.55 1.69 34.26
N ARG B 190 20.65 1.51 35.57
CA ARG B 190 19.64 2.04 36.48
C ARG B 190 19.99 3.45 36.95
N ILE B 191 21.25 3.68 37.33
CA ILE B 191 21.63 4.97 37.90
C ILE B 191 21.84 6.03 36.83
N LEU B 192 22.11 5.65 35.58
CA LEU B 192 22.32 6.64 34.54
C LEU B 192 20.97 7.15 34.02
N PRO B 193 20.85 8.46 33.75
CA PRO B 193 19.55 9.00 33.33
C PRO B 193 19.21 8.77 31.87
N ARG B 194 20.14 8.24 31.07
CA ARG B 194 19.92 8.11 29.63
C ARG B 194 20.43 6.76 29.15
N GLU B 195 19.82 6.27 28.07
CA GLU B 195 20.09 4.93 27.56
C GLU B 195 21.47 4.86 26.90
N LEU B 196 22.00 3.64 26.86
CA LEU B 196 23.34 3.37 26.36
C LEU B 196 23.28 2.73 24.98
N VAL B 197 24.22 3.12 24.11
CA VAL B 197 24.45 2.46 22.83
C VAL B 197 25.87 1.93 22.83
N LEU B 198 26.03 0.66 22.48
CA LEU B 198 27.35 0.07 22.36
C LEU B 198 28.02 0.56 21.07
N ARG B 199 29.25 1.08 21.20
CA ARG B 199 30.03 1.55 20.06
C ARG B 199 31.15 0.61 19.70
N GLU B 200 31.65 -0.17 20.65
CA GLU B 200 32.77 -1.07 20.43
C GLU B 200 32.84 -2.03 21.60
N ALA B 201 33.17 -3.29 21.32
CA ALA B 201 33.35 -4.28 22.36
C ALA B 201 34.41 -5.29 21.93
N THR B 202 35.11 -5.85 22.90
CA THR B 202 36.09 -6.89 22.68
C THR B 202 35.85 -8.01 23.67
N LEU B 203 35.67 -9.23 23.16
CA LEU B 203 35.47 -10.41 23.99
C LEU B 203 36.70 -11.30 23.86
N ILE B 204 37.37 -11.57 24.98
CA ILE B 204 38.51 -12.48 25.02
C ILE B 204 37.99 -13.84 25.44
N VAL B 205 38.00 -14.79 24.51
CA VAL B 205 37.48 -16.14 24.73
C VAL B 205 38.65 -17.12 24.69
N PRO B 206 38.85 -17.92 25.73
CA PRO B 206 39.86 -18.98 25.66
C PRO B 206 39.48 -20.04 24.62
N SER B 207 40.50 -20.65 24.03
CA SER B 207 40.32 -21.52 22.87
C SER B 207 39.60 -22.83 23.20
N ASP B 208 39.37 -23.14 24.48
CA ASP B 208 38.71 -24.38 24.85
C ASP B 208 37.30 -24.15 25.39
N VAL B 209 36.76 -22.95 25.26
CA VAL B 209 35.42 -22.62 25.74
C VAL B 209 34.75 -21.70 24.73
N GLN B 210 33.47 -21.38 24.98
CA GLN B 210 32.65 -20.67 24.02
C GLN B 210 32.20 -19.30 24.52
N THR B 211 32.68 -18.86 25.66
CA THR B 211 32.23 -17.62 26.29
C THR B 211 33.42 -16.82 26.75
N PRO B 212 33.29 -15.50 26.90
CA PRO B 212 34.44 -14.67 27.24
C PRO B 212 34.83 -14.80 28.70
N ILE B 213 36.14 -14.86 28.94
CA ILE B 213 36.67 -14.75 30.30
C ILE B 213 36.90 -13.28 30.67
N ALA B 214 37.15 -12.43 29.67
CA ALA B 214 37.31 -11.00 29.88
C ALA B 214 36.69 -10.27 28.72
N ALA B 215 36.31 -9.01 28.96
CA ALA B 215 35.64 -8.22 27.93
C ALA B 215 35.65 -6.75 28.33
N GLU B 216 35.69 -5.89 27.33
CA GLU B 216 35.54 -4.46 27.55
C GLU B 216 34.44 -3.93 26.63
N LEU B 217 33.65 -3.00 27.16
CA LEU B 217 32.52 -2.41 26.43
C LEU B 217 32.73 -0.91 26.36
N ASP B 218 32.79 -0.37 25.14
CA ASP B 218 32.86 1.06 24.90
C ASP B 218 31.49 1.51 24.42
N CYS B 219 30.79 2.28 25.25
CA CYS B 219 29.45 2.74 24.95
C CYS B 219 29.38 4.26 25.10
N ALA B 220 28.28 4.81 24.60
CA ALA B 220 27.95 6.21 24.78
C ALA B 220 26.46 6.32 25.07
N ASP B 221 26.08 7.25 25.94
CA ASP B 221 24.68 7.45 26.20
C ASP B 221 24.09 8.34 25.11
N THR B 222 22.78 8.60 25.19
CA THR B 222 22.11 9.37 24.14
C THR B 222 22.60 10.82 24.07
N ASP B 223 23.46 11.26 25.00
CA ASP B 223 24.07 12.58 24.94
C ASP B 223 25.56 12.52 24.60
N GLY B 224 26.07 11.35 24.22
CA GLY B 224 27.46 11.20 23.85
C GLY B 224 28.42 10.93 24.99
N VAL B 225 27.95 10.97 26.23
CA VAL B 225 28.76 10.64 27.41
C VAL B 225 29.38 9.25 27.24
N PRO B 226 30.70 9.12 27.29
CA PRO B 226 31.30 7.78 27.16
C PRO B 226 31.11 6.96 28.44
N VAL B 227 30.79 5.68 28.26
CA VAL B 227 30.63 4.74 29.35
C VAL B 227 31.48 3.52 29.02
N ARG B 228 32.60 3.36 29.72
CA ARG B 228 33.49 2.22 29.53
C ARG B 228 33.26 1.18 30.63
N ALA B 229 33.40 -0.09 30.27
CA ALA B 229 33.18 -1.18 31.22
C ALA B 229 34.18 -2.29 30.93
N GLU B 230 34.98 -2.64 31.93
CA GLU B 230 35.93 -3.74 31.84
C GLU B 230 35.50 -4.87 32.75
N PHE B 231 35.52 -6.09 32.23
CA PHE B 231 35.24 -7.29 33.01
C PHE B 231 36.40 -8.25 32.78
N ASP B 232 36.93 -8.81 33.87
CA ASP B 232 38.02 -9.77 33.73
C ASP B 232 37.90 -10.82 34.82
N TRP B 233 38.08 -12.09 34.41
CA TRP B 233 37.99 -13.22 35.31
C TRP B 233 39.32 -13.94 35.48
N ARG B 234 40.40 -13.37 34.96
CA ARG B 234 41.72 -14.00 35.06
C ARG B 234 42.32 -13.76 36.44
N HIS B 235 43.27 -14.63 36.77
CA HIS B 235 44.17 -14.47 37.91
C HIS B 235 44.83 -13.08 37.87
N GLY B 236 44.87 -12.39 39.03
CA GLY B 236 45.43 -11.04 39.04
C GLY B 236 45.48 -10.34 40.40
N PRO B 237 46.08 -9.15 40.42
CA PRO B 237 46.37 -8.48 41.71
C PRO B 237 45.15 -7.92 42.41
N VAL B 238 44.08 -7.57 41.68
CA VAL B 238 42.97 -6.80 42.21
C VAL B 238 41.70 -7.65 42.16
N GLU B 239 40.97 -7.72 43.26
CA GLU B 239 39.58 -8.14 43.24
C GLU B 239 38.74 -6.87 43.32
N GLN B 240 38.09 -6.52 42.21
CA GLN B 240 37.59 -5.18 41.99
C GLN B 240 36.14 -5.22 41.53
N TRP B 241 35.32 -4.38 42.14
CA TRP B 241 33.97 -4.06 41.65
C TRP B 241 33.78 -2.59 41.96
N GLU B 242 33.81 -1.75 40.92
CA GLU B 242 33.69 -0.32 41.14
C GLU B 242 33.01 0.33 39.93
N ILE B 243 32.13 1.27 40.23
CA ILE B 243 31.46 2.10 39.22
C ILE B 243 31.73 3.55 39.59
N ALA B 244 32.43 4.27 38.72
CA ALA B 244 32.80 5.66 38.95
C ALA B 244 32.15 6.54 37.89
N VAL B 245 31.39 7.53 38.33
CA VAL B 245 30.67 8.44 37.45
C VAL B 245 31.20 9.85 37.70
N ASP B 246 31.95 10.37 36.74
CA ASP B 246 32.53 11.71 36.87
C ASP B 246 31.52 12.75 36.40
N THR B 247 31.24 13.73 37.25
CA THR B 247 30.30 14.79 36.96
C THR B 247 30.97 16.14 37.16
N ALA B 248 30.23 17.21 36.82
CA ALA B 248 30.73 18.56 37.07
C ALA B 248 30.82 18.87 38.56
N ASP B 249 30.16 18.08 39.40
CA ASP B 249 30.16 18.27 40.84
C ASP B 249 31.06 17.27 41.57
N GLY B 250 31.88 16.53 40.85
CA GLY B 250 32.77 15.54 41.46
C GLY B 250 32.38 14.12 41.09
N VAL B 251 33.13 13.19 41.66
CA VAL B 251 33.02 11.77 41.33
C VAL B 251 32.03 11.11 42.26
N LEU B 252 31.02 10.45 41.68
CA LEU B 252 30.20 9.49 42.39
C LEU B 252 30.80 8.10 42.18
N ALA B 253 31.03 7.38 43.27
CA ALA B 253 31.71 6.09 43.21
C ALA B 253 30.89 5.05 43.98
N ILE B 254 30.65 3.92 43.33
CA ILE B 254 29.94 2.80 43.93
C ILE B 254 30.89 1.62 43.99
N SER B 255 31.00 1.00 45.16
CA SER B 255 31.91 -0.12 45.36
C SER B 255 31.19 -1.21 46.15
N ARG B 256 31.88 -2.33 46.34
CA ARG B 256 31.37 -3.47 47.10
C ARG B 256 30.00 -3.91 46.59
N GLY B 257 29.94 -4.20 45.30
CA GLY B 257 28.74 -4.70 44.67
C GLY B 257 27.49 -3.86 44.88
N GLY B 258 27.66 -2.58 45.16
CA GLY B 258 26.53 -1.70 45.39
C GLY B 258 26.18 -1.45 46.84
N ALA B 259 27.01 -1.91 47.78
CA ALA B 259 26.79 -1.66 49.19
C ALA B 259 27.50 -0.41 49.70
N GLN B 260 28.28 0.27 48.85
CA GLN B 260 29.12 1.38 49.30
C GLN B 260 29.05 2.53 48.31
N LEU B 261 28.88 3.75 48.82
CA LEU B 261 28.69 4.92 47.97
C LEU B 261 29.50 6.09 48.50
N SER B 262 30.23 6.74 47.58
CA SER B 262 30.99 7.97 47.86
C SER B 262 30.52 9.05 46.89
N ILE B 263 30.19 10.22 47.40
CA ILE B 263 29.80 11.34 46.55
C ILE B 263 30.76 12.49 46.79
N ALA B 264 31.42 12.93 45.71
CA ALA B 264 32.42 14.00 45.76
C ALA B 264 33.47 13.73 46.83
N GLY B 265 33.88 12.46 46.93
CA GLY B 265 34.85 12.07 47.93
C GLY B 265 34.33 12.02 49.35
N GLU B 266 33.04 12.23 49.57
CA GLU B 266 32.46 12.12 50.90
C GLU B 266 31.63 10.85 51.00
N PRO B 267 31.98 9.91 51.87
CA PRO B 267 31.21 8.67 51.99
C PRO B 267 29.76 8.95 52.38
N VAL B 268 28.85 8.15 51.82
CA VAL B 268 27.43 8.26 52.10
C VAL B 268 27.00 7.06 52.93
N GLU B 269 26.15 7.31 53.92
CA GLU B 269 25.68 6.27 54.82
C GLU B 269 24.53 5.50 54.19
N LEU B 270 24.68 4.19 54.06
CA LEU B 270 23.68 3.34 53.44
C LEU B 270 23.11 2.34 54.45
N GLY B 271 21.86 1.96 54.24
CA GLY B 271 21.21 0.95 55.05
C GLY B 271 21.77 -0.42 54.73
N PRO B 272 21.37 -1.43 55.50
CA PRO B 272 21.85 -2.79 55.24
C PRO B 272 21.32 -3.31 53.91
N GLU B 273 22.04 -4.29 53.37
CA GLU B 273 21.63 -4.96 52.15
C GLU B 273 20.31 -5.69 52.39
N ARG B 274 19.29 -5.37 51.58
CA ARG B 274 18.01 -6.07 51.62
C ARG B 274 17.47 -6.20 50.19
N GLU B 275 18.28 -6.78 49.31
CA GLU B 275 17.92 -6.82 47.89
C GLU B 275 16.63 -7.59 47.66
N TYR B 276 16.53 -8.79 48.21
CA TYR B 276 15.40 -9.65 47.90
C TYR B 276 14.12 -9.26 48.63
N PRO B 277 14.17 -8.77 49.88
CA PRO B 277 12.97 -8.12 50.43
C PRO B 277 12.44 -7.01 49.57
N ALA B 278 13.33 -6.15 49.03
CA ALA B 278 12.89 -5.08 48.15
C ALA B 278 12.28 -5.64 46.86
N LEU B 279 12.88 -6.70 46.31
CA LEU B 279 12.34 -7.33 45.12
C LEU B 279 10.90 -7.79 45.35
N TYR B 280 10.68 -8.53 46.45
CA TYR B 280 9.34 -9.08 46.69
C TYR B 280 8.34 -8.00 47.06
N ALA B 281 8.78 -6.96 47.76
CA ALA B 281 7.88 -5.83 48.02
C ALA B 281 7.43 -5.19 46.72
N HIS B 282 8.33 -5.07 45.74
CA HIS B 282 7.96 -4.48 44.46
C HIS B 282 7.06 -5.41 43.66
N PHE B 283 7.32 -6.72 43.73
CA PHE B 283 6.44 -7.69 43.08
C PHE B 283 4.99 -7.52 43.56
N HIS B 284 4.82 -7.46 44.89
CA HIS B 284 3.49 -7.27 45.45
C HIS B 284 2.87 -5.96 44.98
N ALA B 285 3.67 -4.89 44.94
CA ALA B 285 3.15 -3.60 44.47
C ALA B 285 2.78 -3.66 43.00
N LEU B 286 3.57 -4.36 42.19
CA LEU B 286 3.24 -4.53 40.78
C LEU B 286 1.90 -5.25 40.61
N ILE B 287 1.69 -6.32 41.38
CA ILE B 287 0.44 -7.09 41.28
C ILE B 287 -0.74 -6.24 41.73
N ALA B 288 -0.56 -5.43 42.77
CA ALA B 288 -1.65 -4.58 43.24
C ALA B 288 -2.03 -3.54 42.21
N ARG B 289 -1.04 -2.97 41.52
CA ARG B 289 -1.29 -1.94 40.51
C ARG B 289 -1.69 -2.53 39.16
N GLY B 290 -1.70 -3.84 39.00
CA GLY B 290 -1.92 -4.44 37.70
C GLY B 290 -0.86 -4.05 36.69
N GLU B 291 0.40 -4.13 37.11
CA GLU B 291 1.51 -3.67 36.30
C GLU B 291 2.54 -4.78 36.15
N SER B 292 3.39 -4.63 35.13
CA SER B 292 4.55 -5.49 34.92
C SER B 292 5.82 -4.66 34.92
N ASP B 293 6.96 -5.33 35.05
CA ASP B 293 8.26 -4.65 35.10
C ASP B 293 9.27 -5.58 34.41
N VAL B 294 9.45 -5.38 33.12
CA VAL B 294 10.35 -6.20 32.31
C VAL B 294 11.34 -5.25 31.64
N ASP B 295 12.49 -5.05 32.27
CA ASP B 295 13.58 -4.23 31.73
C ASP B 295 14.66 -5.19 31.25
N VAL B 296 14.74 -5.36 29.92
CA VAL B 296 15.72 -6.27 29.33
C VAL B 296 17.00 -5.56 28.92
N ARG B 297 17.09 -4.25 29.12
CA ARG B 297 18.25 -3.49 28.65
C ARG B 297 19.60 -4.05 29.14
N PRO B 298 19.74 -4.57 30.37
CA PRO B 298 21.03 -5.18 30.73
C PRO B 298 21.37 -6.41 29.90
N LEU B 299 20.36 -7.22 29.53
CA LEU B 299 20.63 -8.36 28.67
C LEU B 299 20.81 -7.93 27.22
N ARG B 300 20.03 -6.94 26.78
CA ARG B 300 20.17 -6.42 25.42
C ARG B 300 21.57 -5.86 25.18
N LEU B 301 22.19 -5.29 26.22
CA LEU B 301 23.55 -4.81 26.09
C LEU B 301 24.53 -5.97 25.90
N VAL B 302 24.36 -7.02 26.70
CA VAL B 302 25.26 -8.18 26.59
C VAL B 302 25.11 -8.84 25.22
N ALA B 303 23.87 -8.97 24.74
CA ALA B 303 23.65 -9.51 23.40
C ALA B 303 24.31 -8.65 22.34
N ASP B 304 24.21 -7.33 22.48
CA ASP B 304 24.90 -6.43 21.54
C ASP B 304 26.40 -6.67 21.56
N ALA B 305 26.97 -6.95 22.73
CA ALA B 305 28.40 -7.24 22.81
C ALA B 305 28.76 -8.51 22.07
N PHE B 306 27.94 -9.57 22.21
CA PHE B 306 28.18 -10.78 21.45
C PHE B 306 27.95 -10.56 19.96
N LEU B 307 27.01 -9.69 19.60
CA LEU B 307 26.70 -9.44 18.19
C LEU B 307 27.77 -8.58 17.53
N PHE B 308 28.18 -7.51 18.22
CA PHE B 308 28.99 -6.44 17.64
C PHE B 308 30.45 -6.49 18.07
N GLY B 309 30.81 -7.34 19.03
CA GLY B 309 32.14 -7.31 19.58
C GLY B 309 33.15 -8.11 18.76
N ARG B 310 34.35 -7.57 18.66
CA ARG B 310 35.48 -8.31 18.12
C ARG B 310 35.86 -9.43 19.09
N ARG B 311 36.14 -10.61 18.56
CA ARG B 311 36.50 -11.76 19.37
C ARG B 311 37.99 -12.05 19.26
N VAL B 312 38.59 -12.38 20.40
CA VAL B 312 40.03 -12.58 20.50
C VAL B 312 40.29 -13.87 21.26
N GLN B 313 41.26 -14.64 20.82
CA GLN B 313 41.61 -15.92 21.44
C GLN B 313 42.73 -15.74 22.45
N THR B 314 42.72 -16.59 23.47
CA THR B 314 43.82 -16.70 24.42
C THR B 314 44.05 -18.18 24.72
N ASP B 315 45.05 -18.45 25.54
CA ASP B 315 45.43 -19.82 25.87
C ASP B 315 44.25 -20.56 26.50
N ALA B 316 44.31 -21.89 26.44
CA ALA B 316 43.24 -22.72 26.96
C ALA B 316 43.04 -22.47 28.46
N PHE B 317 41.80 -22.61 28.89
CA PHE B 317 41.42 -22.33 30.27
C PHE B 317 42.00 -23.35 31.24
N ASP C 13 -15.79 20.78 -57.80
CA ASP C 13 -15.02 21.02 -56.59
C ASP C 13 -15.55 22.23 -55.84
N GLN C 14 -16.58 22.06 -55.00
CA GLN C 14 -17.30 23.22 -54.50
C GLN C 14 -17.43 23.37 -53.00
N VAL C 15 -17.10 22.36 -52.19
CA VAL C 15 -16.95 22.59 -50.75
C VAL C 15 -15.45 22.77 -50.48
N SER C 16 -15.06 23.98 -50.12
CA SER C 16 -13.65 24.28 -49.89
C SER C 16 -13.21 23.67 -48.57
N LEU C 17 -12.08 22.97 -48.61
CA LEU C 17 -11.67 22.10 -47.51
C LEU C 17 -10.24 22.39 -47.09
N GLY C 18 -10.00 22.38 -45.78
CA GLY C 18 -8.67 22.47 -45.24
C GLY C 18 -8.34 21.20 -44.48
N VAL C 19 -7.06 20.82 -44.50
CA VAL C 19 -6.57 19.65 -43.79
C VAL C 19 -5.52 20.12 -42.77
N VAL C 20 -5.59 19.55 -41.57
CA VAL C 20 -4.75 19.97 -40.46
C VAL C 20 -4.00 18.76 -39.92
N GLY C 21 -2.67 18.82 -39.96
CA GLY C 21 -1.84 17.74 -39.47
C GLY C 21 -1.43 16.78 -40.58
N ILE C 22 -0.43 17.17 -41.36
CA ILE C 22 -0.04 16.43 -42.55
C ILE C 22 1.09 15.49 -42.16
N GLY C 23 0.73 14.28 -41.74
CA GLY C 23 1.70 13.24 -41.49
C GLY C 23 1.56 12.07 -42.44
N LYS C 24 1.86 10.86 -41.95
CA LYS C 24 1.85 9.68 -42.80
C LYS C 24 0.45 9.41 -43.35
N ILE C 25 -0.55 9.35 -42.49
CA ILE C 25 -1.90 9.01 -42.93
C ILE C 25 -2.50 10.13 -43.79
N ALA C 26 -2.15 11.39 -43.50
CA ALA C 26 -2.65 12.49 -44.30
C ALA C 26 -2.15 12.40 -45.74
N ARG C 27 -0.88 12.03 -45.93
CA ARG C 27 -0.34 11.90 -47.27
C ARG C 27 -0.77 10.59 -47.93
N ASP C 28 -0.86 9.51 -47.15
CA ASP C 28 -1.16 8.21 -47.73
C ASP C 28 -2.65 8.03 -48.04
N GLN C 29 -3.53 8.63 -47.23
CA GLN C 29 -4.95 8.35 -47.29
C GLN C 29 -5.82 9.58 -47.52
N HIS C 30 -5.62 10.64 -46.74
CA HIS C 30 -6.55 11.77 -46.80
C HIS C 30 -6.41 12.55 -48.11
N LEU C 31 -5.19 12.99 -48.42
CA LEU C 31 -5.00 13.82 -49.61
C LEU C 31 -5.34 13.08 -50.90
N PRO C 32 -4.89 11.84 -51.14
CA PRO C 32 -5.33 11.14 -52.36
C PRO C 32 -6.84 10.97 -52.43
N ALA C 33 -7.49 10.66 -51.30
CA ALA C 33 -8.94 10.54 -51.31
C ALA C 33 -9.60 11.88 -51.65
N ILE C 34 -9.07 12.98 -51.09
CA ILE C 34 -9.62 14.29 -51.37
C ILE C 34 -9.47 14.65 -52.84
N ASP C 35 -8.31 14.37 -53.43
CA ASP C 35 -8.07 14.72 -54.82
C ASP C 35 -9.02 13.98 -55.76
N ALA C 36 -9.41 12.76 -55.42
CA ALA C 36 -10.34 11.99 -56.22
C ALA C 36 -11.80 12.26 -55.86
N GLU C 37 -12.07 13.19 -54.95
CA GLU C 37 -13.43 13.50 -54.52
C GLU C 37 -13.81 14.87 -55.04
N PRO C 38 -14.49 14.95 -56.20
CA PRO C 38 -14.78 16.26 -56.80
C PRO C 38 -15.82 17.08 -56.05
N GLY C 39 -16.42 16.56 -54.98
CA GLY C 39 -17.24 17.40 -54.14
C GLY C 39 -16.45 18.36 -53.28
N PHE C 40 -15.14 18.18 -53.18
CA PHE C 40 -14.28 18.99 -52.34
C PHE C 40 -13.24 19.71 -53.18
N LYS C 41 -12.93 20.94 -52.77
CA LYS C 41 -11.79 21.68 -53.31
C LYS C 41 -10.81 21.86 -52.16
N LEU C 42 -9.67 21.18 -52.25
CA LEU C 42 -8.60 21.36 -51.26
C LEU C 42 -8.06 22.78 -51.39
N THR C 43 -8.31 23.60 -50.36
CA THR C 43 -7.99 25.01 -50.38
C THR C 43 -6.67 25.31 -49.67
N ALA C 44 -6.47 24.75 -48.48
CA ALA C 44 -5.31 25.08 -47.68
C ALA C 44 -5.04 23.94 -46.71
N CYS C 45 -3.81 23.89 -46.22
CA CYS C 45 -3.41 22.89 -45.22
C CYS C 45 -2.59 23.57 -44.13
N ALA C 46 -2.72 23.04 -42.92
CA ALA C 46 -2.02 23.54 -41.75
C ALA C 46 -1.12 22.46 -41.20
N SER C 47 0.16 22.79 -40.98
CA SER C 47 1.14 21.82 -40.50
C SER C 47 2.39 22.54 -40.00
N ARG C 48 2.88 22.15 -38.83
CA ARG C 48 4.05 22.81 -38.26
C ARG C 48 5.33 22.45 -39.00
N HIS C 49 5.38 21.25 -39.59
CA HIS C 49 6.63 20.73 -40.13
C HIS C 49 6.49 20.24 -41.56
N ALA C 50 5.44 20.64 -42.28
CA ALA C 50 5.22 20.11 -43.61
C ALA C 50 4.40 21.11 -44.42
N GLU C 51 4.57 21.04 -45.74
CA GLU C 51 3.82 21.86 -46.69
C GLU C 51 3.35 20.98 -47.84
N VAL C 52 2.17 21.29 -48.36
CA VAL C 52 1.57 20.51 -49.43
C VAL C 52 1.52 21.38 -50.68
N THR C 53 2.15 20.90 -51.75
CA THR C 53 2.23 21.68 -52.99
C THR C 53 0.85 21.89 -53.60
N GLY C 54 0.67 23.06 -54.21
CA GLY C 54 -0.55 23.37 -54.93
C GLY C 54 -1.60 24.11 -54.12
N VAL C 55 -1.42 24.22 -52.81
CA VAL C 55 -2.39 24.88 -51.95
C VAL C 55 -1.66 25.88 -51.07
N ARG C 56 -2.43 26.79 -50.47
CA ARG C 56 -1.87 27.68 -49.46
C ARG C 56 -1.56 26.88 -48.21
N ASN C 57 -0.42 27.19 -47.60
CA ASN C 57 0.06 26.44 -46.45
C ASN C 57 0.21 27.37 -45.25
N TYR C 58 -0.25 26.88 -44.09
CA TYR C 58 -0.11 27.58 -42.83
C TYR C 58 0.52 26.62 -41.84
N ARG C 59 1.15 27.17 -40.80
CA ARG C 59 1.67 26.27 -39.77
C ARG C 59 0.78 26.06 -38.59
N ASP C 60 -0.39 26.66 -38.55
CA ASP C 60 -1.32 26.34 -37.50
C ASP C 60 -2.71 26.69 -38.01
N LEU C 61 -3.71 26.10 -37.36
CA LEU C 61 -5.08 26.24 -37.81
C LEU C 61 -5.61 27.66 -37.59
N ARG C 62 -5.22 28.29 -36.49
CA ARG C 62 -5.69 29.64 -36.21
C ARG C 62 -5.34 30.59 -37.34
N ALA C 63 -4.11 30.50 -37.85
CA ALA C 63 -3.73 31.34 -38.98
C ALA C 63 -4.52 30.99 -40.23
N LEU C 64 -4.75 29.68 -40.45
CA LEU C 64 -5.53 29.26 -41.61
C LEU C 64 -6.94 29.83 -41.57
N LEU C 65 -7.61 29.71 -40.41
CA LEU C 65 -8.97 30.18 -40.29
C LEU C 65 -9.06 31.70 -40.47
N ALA C 66 -8.11 32.43 -39.90
CA ALA C 66 -8.12 33.89 -40.01
C ALA C 66 -7.87 34.34 -41.45
N ALA C 67 -7.12 33.55 -42.22
CA ALA C 67 -6.76 33.95 -43.57
C ALA C 67 -7.72 33.44 -44.64
N GLU C 68 -8.29 32.25 -44.45
CA GLU C 68 -9.11 31.63 -45.49
C GLU C 68 -10.55 32.07 -45.31
N ARG C 69 -10.91 33.13 -46.04
CA ARG C 69 -12.20 33.79 -45.84
C ARG C 69 -13.36 32.85 -46.20
N GLU C 70 -13.26 32.17 -47.33
CA GLU C 70 -14.37 31.37 -47.86
C GLU C 70 -14.20 29.88 -47.62
N LEU C 71 -13.40 29.49 -46.62
CA LEU C 71 -13.26 28.08 -46.30
C LEU C 71 -14.55 27.54 -45.70
N ASP C 72 -14.95 26.36 -46.16
CA ASP C 72 -16.21 25.74 -45.72
C ASP C 72 -16.01 24.72 -44.60
N ALA C 73 -15.01 23.86 -44.72
CA ALA C 73 -14.87 22.74 -43.81
C ALA C 73 -13.41 22.43 -43.59
N VAL C 74 -13.13 21.67 -42.53
CA VAL C 74 -11.79 21.23 -42.22
C VAL C 74 -11.84 19.76 -41.80
N SER C 75 -10.79 19.03 -42.15
CA SER C 75 -10.61 17.64 -41.72
C SER C 75 -9.36 17.60 -40.84
N LEU C 76 -9.53 17.14 -39.60
CA LEU C 76 -8.46 17.13 -38.62
C LEU C 76 -7.84 15.74 -38.53
N CYS C 77 -6.51 15.67 -38.68
CA CYS C 77 -5.78 14.41 -38.72
C CYS C 77 -4.72 14.29 -37.65
N ALA C 78 -4.57 15.27 -36.77
CA ALA C 78 -3.56 15.25 -35.72
C ALA C 78 -3.96 14.28 -34.61
N PRO C 79 -3.05 13.95 -33.70
CA PRO C 79 -3.40 13.09 -32.55
C PRO C 79 -4.52 13.70 -31.73
N PRO C 80 -5.27 12.87 -30.99
CA PRO C 80 -6.51 13.37 -30.35
C PRO C 80 -6.29 14.44 -29.29
N GLN C 81 -5.12 14.49 -28.66
CA GLN C 81 -4.93 15.43 -27.57
C GLN C 81 -4.88 16.88 -28.05
N VAL C 82 -4.56 17.12 -29.31
CA VAL C 82 -4.51 18.47 -29.86
C VAL C 82 -5.68 18.78 -30.78
N ARG C 83 -6.49 17.78 -31.14
CA ARG C 83 -7.61 18.01 -32.05
C ARG C 83 -8.80 18.69 -31.38
N TYR C 84 -8.89 18.65 -30.05
CA TYR C 84 -10.05 19.22 -29.39
C TYR C 84 -10.07 20.74 -29.55
N ALA C 85 -8.97 21.42 -29.23
CA ALA C 85 -8.90 22.86 -29.40
C ALA C 85 -9.00 23.25 -30.87
N GLN C 86 -8.44 22.43 -31.76
CA GLN C 86 -8.59 22.68 -33.19
C GLN C 86 -10.04 22.56 -33.63
N ALA C 87 -10.75 21.53 -33.14
CA ALA C 87 -12.15 21.36 -33.51
C ALA C 87 -13.01 22.48 -32.94
N ARG C 88 -12.74 22.88 -31.70
CA ARG C 88 -13.43 24.03 -31.11
C ARG C 88 -13.20 25.29 -31.96
N ALA C 89 -11.95 25.56 -32.31
CA ALA C 89 -11.63 26.75 -33.08
C ALA C 89 -12.34 26.72 -34.44
N ALA C 90 -12.29 25.57 -35.12
CA ALA C 90 -12.95 25.45 -36.41
C ALA C 90 -14.46 25.63 -36.27
N LEU C 91 -15.06 25.00 -35.26
CA LEU C 91 -16.50 25.11 -35.08
C LEU C 91 -16.91 26.54 -34.74
N GLU C 92 -16.10 27.24 -33.94
CA GLU C 92 -16.42 28.63 -33.62
C GLU C 92 -16.17 29.56 -34.78
N ALA C 93 -15.30 29.18 -35.72
CA ALA C 93 -15.11 29.94 -36.95
C ALA C 93 -16.18 29.65 -37.99
N GLY C 94 -17.16 28.81 -37.67
CA GLY C 94 -18.24 28.51 -38.58
C GLY C 94 -17.98 27.42 -39.60
N LYS C 95 -16.97 26.56 -39.37
CA LYS C 95 -16.61 25.52 -40.31
C LYS C 95 -17.19 24.18 -39.89
N HIS C 96 -17.55 23.36 -40.88
CA HIS C 96 -17.82 21.95 -40.65
C HIS C 96 -16.52 21.23 -40.34
N VAL C 97 -16.60 20.16 -39.54
CA VAL C 97 -15.41 19.52 -39.01
C VAL C 97 -15.50 18.01 -39.16
N MET C 98 -14.44 17.40 -39.68
CA MET C 98 -14.29 15.95 -39.78
C MET C 98 -13.11 15.53 -38.90
N LEU C 99 -13.37 14.58 -38.00
CA LEU C 99 -12.39 14.14 -37.01
C LEU C 99 -11.85 12.76 -37.33
N GLU C 100 -10.54 12.58 -37.14
CA GLU C 100 -9.95 11.26 -37.20
C GLU C 100 -10.36 10.44 -35.97
N LYS C 101 -9.99 9.15 -36.00
CA LYS C 101 -10.30 8.21 -34.94
C LYS C 101 -9.24 8.26 -33.85
N PRO C 102 -9.61 8.33 -32.56
CA PRO C 102 -10.97 8.43 -32.00
C PRO C 102 -11.40 9.89 -31.94
N PRO C 103 -12.70 10.15 -31.77
CA PRO C 103 -13.17 11.55 -31.83
C PRO C 103 -12.68 12.44 -30.70
N GLY C 104 -12.13 11.88 -29.62
CA GLY C 104 -11.63 12.70 -28.54
C GLY C 104 -10.74 11.92 -27.61
N ALA C 105 -9.95 12.65 -26.81
CA ALA C 105 -9.13 12.03 -25.79
C ALA C 105 -9.96 11.63 -24.57
N THR C 106 -11.05 12.35 -24.31
CA THR C 106 -12.00 11.99 -23.26
C THR C 106 -13.40 12.15 -23.83
N LEU C 107 -14.36 11.49 -23.17
CA LEU C 107 -15.75 11.60 -23.60
C LEU C 107 -16.30 13.00 -23.40
N GLY C 108 -15.76 13.74 -22.42
CA GLY C 108 -16.24 15.08 -22.18
C GLY C 108 -15.94 16.03 -23.34
N GLU C 109 -14.77 15.89 -23.95
CA GLU C 109 -14.43 16.72 -25.11
C GLU C 109 -15.45 16.54 -26.22
N VAL C 110 -15.76 15.28 -26.56
CA VAL C 110 -16.63 15.01 -27.69
C VAL C 110 -18.03 15.59 -27.44
N ALA C 111 -18.52 15.45 -26.21
CA ALA C 111 -19.82 16.02 -25.87
C ALA C 111 -19.81 17.54 -26.06
N VAL C 112 -18.69 18.18 -25.73
CA VAL C 112 -18.58 19.63 -25.94
C VAL C 112 -18.60 19.95 -27.43
N LEU C 113 -17.77 19.24 -28.21
CA LEU C 113 -17.72 19.51 -29.65
C LEU C 113 -19.08 19.28 -30.29
N GLU C 114 -19.79 18.25 -29.85
CA GLU C 114 -21.09 17.92 -30.46
C GLU C 114 -22.13 18.99 -30.16
N ALA C 115 -22.18 19.45 -28.90
CA ALA C 115 -23.17 20.46 -28.52
C ALA C 115 -22.89 21.79 -29.22
N LEU C 116 -21.62 22.14 -29.39
CA LEU C 116 -21.26 23.37 -30.08
C LEU C 116 -21.52 23.27 -31.58
N ALA C 117 -21.32 22.09 -32.17
CA ALA C 117 -21.65 21.91 -33.58
C ALA C 117 -23.16 22.03 -33.81
N ARG C 118 -23.95 21.45 -32.91
CA ARG C 118 -25.41 21.51 -33.05
C ARG C 118 -25.92 22.93 -32.88
N GLU C 119 -25.36 23.68 -31.93
CA GLU C 119 -25.87 25.03 -31.66
C GLU C 119 -25.58 26.00 -32.79
N ARG C 120 -24.60 25.70 -33.65
CA ARG C 120 -24.29 26.53 -34.80
C ARG C 120 -24.75 25.91 -36.11
N GLY C 121 -25.42 24.77 -36.07
CA GLY C 121 -25.87 24.12 -37.28
C GLY C 121 -24.78 23.55 -38.14
N LEU C 122 -23.61 23.28 -37.57
CA LEU C 122 -22.48 22.78 -38.32
C LEU C 122 -22.49 21.26 -38.39
N THR C 123 -21.80 20.73 -39.39
CA THR C 123 -21.66 19.29 -39.57
C THR C 123 -20.41 18.82 -38.84
N LEU C 124 -20.59 17.90 -37.89
CA LEU C 124 -19.50 17.29 -37.15
C LEU C 124 -19.50 15.80 -37.43
N PHE C 125 -18.36 15.29 -37.88
CA PHE C 125 -18.26 13.91 -38.35
C PHE C 125 -17.12 13.20 -37.62
N ALA C 126 -17.48 12.32 -36.69
CA ALA C 126 -16.51 11.44 -36.02
C ALA C 126 -16.35 10.20 -36.88
N THR C 127 -15.20 10.08 -37.53
CA THR C 127 -14.96 8.97 -38.44
C THR C 127 -14.38 7.77 -37.69
N TRP C 128 -14.70 6.57 -38.21
CA TRP C 128 -14.04 5.34 -37.84
C TRP C 128 -13.71 4.65 -39.16
N HIS C 129 -12.45 4.77 -39.60
CA HIS C 129 -12.12 4.34 -40.95
C HIS C 129 -12.33 2.84 -41.15
N SER C 130 -12.15 2.04 -40.11
CA SER C 130 -12.40 0.60 -40.24
C SER C 130 -13.85 0.29 -40.51
N ARG C 131 -14.77 1.20 -40.16
CA ARG C 131 -16.19 0.98 -40.40
C ARG C 131 -16.52 0.97 -41.89
N CYS C 132 -15.68 1.58 -42.73
CA CYS C 132 -15.89 1.59 -44.16
C CYS C 132 -15.13 0.50 -44.89
N ALA C 133 -14.44 -0.38 -44.17
CA ALA C 133 -13.84 -1.55 -44.81
C ALA C 133 -14.90 -2.37 -45.51
N SER C 134 -14.49 -3.10 -46.55
CA SER C 134 -15.45 -3.69 -47.48
C SER C 134 -16.34 -4.76 -46.84
N ALA C 135 -15.91 -5.38 -45.75
CA ALA C 135 -16.71 -6.46 -45.17
C ALA C 135 -17.83 -5.94 -44.26
N VAL C 136 -17.78 -4.67 -43.86
CA VAL C 136 -18.61 -4.21 -42.75
C VAL C 136 -20.09 -4.22 -43.14
N GLU C 137 -20.44 -3.54 -44.23
CA GLU C 137 -21.84 -3.40 -44.61
C GLU C 137 -22.46 -4.72 -45.04
N PRO C 138 -21.78 -5.56 -45.84
CA PRO C 138 -22.35 -6.90 -46.09
C PRO C 138 -22.57 -7.70 -44.81
N ALA C 139 -21.62 -7.65 -43.87
CA ALA C 139 -21.81 -8.38 -42.61
C ALA C 139 -22.97 -7.82 -41.83
N ARG C 140 -23.09 -6.49 -41.75
CA ARG C 140 -24.22 -5.90 -41.03
C ARG C 140 -25.55 -6.32 -41.64
N GLU C 141 -25.63 -6.36 -42.98
CA GLU C 141 -26.88 -6.71 -43.62
C GLU C 141 -27.20 -8.19 -43.45
N TRP C 142 -26.19 -9.05 -43.53
CA TRP C 142 -26.41 -10.49 -43.33
C TRP C 142 -26.88 -10.79 -41.91
N LEU C 143 -26.38 -10.03 -40.93
CA LEU C 143 -26.66 -10.29 -39.53
C LEU C 143 -27.96 -9.65 -39.05
N ALA C 144 -28.50 -8.69 -39.80
CA ALA C 144 -29.64 -7.91 -39.31
C ALA C 144 -30.90 -8.75 -39.14
N THR C 145 -31.04 -9.85 -39.86
CA THR C 145 -32.23 -10.70 -39.79
C THR C 145 -31.88 -12.12 -39.35
N ARG C 146 -30.93 -12.26 -38.43
CA ARG C 146 -30.45 -13.58 -38.06
C ARG C 146 -30.26 -13.69 -36.56
N ALA C 147 -30.51 -14.89 -36.05
CA ALA C 147 -30.39 -15.19 -34.63
C ALA C 147 -28.92 -15.32 -34.28
N ILE C 148 -28.37 -14.30 -33.63
CA ILE C 148 -26.98 -14.30 -33.22
C ILE C 148 -26.89 -14.99 -31.87
N ARG C 149 -25.86 -15.77 -31.68
CA ARG C 149 -25.70 -16.37 -30.39
C ARG C 149 -24.44 -15.97 -29.63
N ALA C 150 -23.31 -15.84 -30.33
CA ALA C 150 -22.13 -15.38 -29.63
C ALA C 150 -21.22 -14.66 -30.61
N VAL C 151 -20.38 -13.82 -30.05
CA VAL C 151 -19.45 -12.98 -30.80
C VAL C 151 -18.10 -13.03 -30.11
N GLN C 152 -17.05 -13.32 -30.89
CA GLN C 152 -15.69 -13.34 -30.36
C GLN C 152 -14.80 -12.46 -31.22
N VAL C 153 -14.04 -11.58 -30.58
CA VAL C 153 -13.03 -10.76 -31.22
C VAL C 153 -11.66 -11.23 -30.74
N ARG C 154 -10.76 -11.48 -31.69
CA ARG C 154 -9.42 -11.97 -31.38
C ARG C 154 -8.42 -11.07 -32.11
N TRP C 155 -7.75 -10.21 -31.35
CA TRP C 155 -6.80 -9.24 -31.87
C TRP C 155 -5.44 -9.52 -31.22
N LYS C 156 -4.50 -10.06 -32.00
CA LYS C 156 -3.20 -10.43 -31.47
C LYS C 156 -2.12 -10.06 -32.46
N ALA C 157 -1.19 -9.22 -32.03
CA ALA C 157 -0.06 -8.80 -32.85
C ALA C 157 1.12 -8.51 -31.94
N ASP C 158 2.29 -8.30 -32.55
CA ASP C 158 3.51 -8.02 -31.82
C ASP C 158 3.83 -6.54 -31.94
N VAL C 159 3.85 -5.84 -30.80
CA VAL C 159 4.10 -4.40 -30.81
C VAL C 159 5.52 -4.07 -31.25
N ARG C 160 6.45 -5.03 -31.16
CA ARG C 160 7.81 -4.79 -31.61
C ARG C 160 7.91 -4.70 -33.13
N ARG C 161 6.80 -4.83 -33.85
CA ARG C 161 6.76 -4.60 -35.30
C ARG C 161 5.89 -3.39 -35.61
N TRP C 162 4.57 -3.52 -35.46
CA TRP C 162 3.67 -2.42 -35.79
C TRP C 162 3.73 -1.33 -34.74
N HIS C 163 3.46 -0.10 -35.17
CA HIS C 163 3.67 1.14 -34.43
C HIS C 163 5.14 1.32 -34.06
N PRO C 164 6.04 1.48 -35.04
CA PRO C 164 7.43 1.82 -34.72
C PRO C 164 7.58 3.32 -34.52
N GLY C 165 8.16 3.71 -33.38
CA GLY C 165 8.38 5.11 -33.10
C GLY C 165 7.24 5.83 -32.40
N GLN C 166 6.31 5.09 -31.80
CA GLN C 166 5.19 5.67 -31.07
C GLN C 166 5.45 5.57 -29.58
N GLN C 167 5.07 6.62 -28.83
CA GLN C 167 5.21 6.56 -27.39
C GLN C 167 4.15 7.32 -26.60
N TRP C 168 3.38 8.26 -27.19
CA TRP C 168 2.22 8.70 -26.42
C TRP C 168 1.20 7.59 -26.26
N ILE C 169 1.42 6.44 -26.92
CA ILE C 169 0.58 5.27 -26.76
C ILE C 169 0.70 4.68 -25.36
N TRP C 170 1.82 4.92 -24.67
CA TRP C 170 2.07 4.36 -23.36
C TRP C 170 1.89 5.37 -22.23
N GLU C 171 1.47 6.59 -22.55
CA GLU C 171 1.27 7.64 -21.57
C GLU C 171 -0.19 7.71 -21.15
N PRO C 172 -0.49 8.34 -20.01
CA PRO C 172 -1.88 8.47 -19.58
C PRO C 172 -2.78 9.00 -20.67
N GLY C 173 -3.85 8.26 -20.95
CA GLY C 173 -4.78 8.60 -22.00
C GLY C 173 -4.42 8.08 -23.38
N GLY C 174 -3.29 7.39 -23.51
CA GLY C 174 -2.83 6.91 -24.81
C GLY C 174 -3.45 5.64 -25.31
N LEU C 175 -4.31 5.00 -24.51
CA LEU C 175 -5.13 3.85 -24.89
C LEU C 175 -4.35 2.54 -24.97
N GLY C 176 -3.05 2.58 -25.24
CA GLY C 176 -2.27 1.35 -25.28
C GLY C 176 -2.73 0.43 -26.40
N VAL C 177 -3.02 -0.83 -26.04
CA VAL C 177 -3.45 -1.80 -27.04
C VAL C 177 -4.82 -1.45 -27.60
N PHE C 178 -5.59 -0.60 -26.90
CA PHE C 178 -6.86 -0.14 -27.44
C PHE C 178 -6.69 0.88 -28.55
N ASP C 179 -5.48 1.37 -28.80
CA ASP C 179 -5.27 2.27 -29.92
C ASP C 179 -5.58 1.59 -31.25
N PRO C 180 -4.97 0.43 -31.58
CA PRO C 180 -5.46 -0.30 -32.76
C PRO C 180 -6.71 -1.11 -32.44
N GLY C 181 -6.86 -1.51 -31.17
CA GLY C 181 -7.97 -2.36 -30.80
C GLY C 181 -9.33 -1.71 -30.97
N ILE C 182 -9.39 -0.38 -30.84
CA ILE C 182 -10.66 0.31 -31.00
C ILE C 182 -11.19 0.22 -32.42
N ASN C 183 -10.32 -0.10 -33.40
CA ASN C 183 -10.78 -0.30 -34.77
C ASN C 183 -11.72 -1.51 -34.84
N ALA C 184 -11.33 -2.62 -34.20
CA ALA C 184 -12.20 -3.79 -34.18
C ALA C 184 -13.52 -3.49 -33.49
N LEU C 185 -13.48 -2.70 -32.41
CA LEU C 185 -14.70 -2.40 -31.67
C LEU C 185 -15.64 -1.52 -32.49
N SER C 186 -15.10 -0.64 -33.35
CA SER C 186 -15.97 0.17 -34.20
C SER C 186 -16.68 -0.67 -35.26
N ILE C 187 -16.02 -1.72 -35.76
CA ILE C 187 -16.70 -2.65 -36.66
C ILE C 187 -17.78 -3.41 -35.92
N VAL C 188 -17.43 -3.97 -34.76
CA VAL C 188 -18.37 -4.75 -33.96
C VAL C 188 -19.65 -3.97 -33.70
N THR C 189 -19.50 -2.71 -33.30
CA THR C 189 -20.68 -1.92 -32.94
C THR C 189 -21.47 -1.46 -34.16
N ARG C 190 -20.89 -1.55 -35.36
CA ARG C 190 -21.64 -1.23 -36.57
C ARG C 190 -22.41 -2.44 -37.11
N ILE C 191 -21.80 -3.63 -37.05
CA ILE C 191 -22.45 -4.80 -37.66
C ILE C 191 -23.47 -5.44 -36.73
N LEU C 192 -23.33 -5.28 -35.42
CA LEU C 192 -24.27 -5.91 -34.50
C LEU C 192 -25.54 -5.08 -34.39
N PRO C 193 -26.72 -5.72 -34.26
CA PRO C 193 -27.98 -4.97 -34.26
C PRO C 193 -28.35 -4.34 -32.93
N ARG C 194 -27.67 -4.66 -31.83
CA ARG C 194 -28.09 -4.19 -30.52
C ARG C 194 -26.91 -3.65 -29.72
N GLU C 195 -27.23 -2.82 -28.73
CA GLU C 195 -26.22 -2.15 -27.91
C GLU C 195 -25.44 -3.13 -27.07
N LEU C 196 -24.22 -2.74 -26.72
CA LEU C 196 -23.32 -3.55 -25.90
C LEU C 196 -23.21 -2.98 -24.51
N VAL C 197 -23.28 -3.83 -23.50
CA VAL C 197 -23.05 -3.44 -22.12
C VAL C 197 -21.87 -4.25 -21.58
N LEU C 198 -20.86 -3.54 -21.06
CA LEU C 198 -19.68 -4.20 -20.53
C LEU C 198 -20.00 -4.86 -19.20
N ARG C 199 -19.77 -6.17 -19.10
CA ARG C 199 -20.03 -6.90 -17.87
C ARG C 199 -18.79 -7.08 -17.01
N GLU C 200 -17.60 -7.15 -17.63
CA GLU C 200 -16.35 -7.18 -16.90
C GLU C 200 -15.20 -7.04 -17.89
N ALA C 201 -14.06 -6.58 -17.39
CA ALA C 201 -12.88 -6.37 -18.21
C ALA C 201 -11.62 -6.59 -17.38
N THR C 202 -10.53 -6.90 -18.08
CA THR C 202 -9.21 -7.06 -17.48
C THR C 202 -8.18 -6.36 -18.36
N LEU C 203 -7.41 -5.45 -17.76
CA LEU C 203 -6.34 -4.75 -18.47
C LEU C 203 -4.98 -5.19 -17.93
N ILE C 204 -4.11 -5.64 -18.82
CA ILE C 204 -2.76 -6.05 -18.46
C ILE C 204 -1.81 -4.90 -18.74
N VAL C 205 -1.17 -4.39 -17.70
CA VAL C 205 -0.37 -3.17 -17.77
C VAL C 205 1.05 -3.48 -17.33
N PRO C 206 2.05 -3.27 -18.18
CA PRO C 206 3.45 -3.41 -17.73
C PRO C 206 3.81 -2.36 -16.69
N SER C 207 4.86 -2.67 -15.93
CA SER C 207 5.26 -1.83 -14.80
C SER C 207 5.67 -0.42 -15.22
N ASP C 208 6.21 -0.28 -16.43
CA ASP C 208 6.85 0.95 -16.85
C ASP C 208 6.00 1.82 -17.76
N VAL C 209 4.73 1.44 -17.99
CA VAL C 209 3.84 2.23 -18.83
C VAL C 209 2.50 2.39 -18.10
N GLN C 210 1.62 3.20 -18.70
CA GLN C 210 0.36 3.61 -18.07
C GLN C 210 -0.87 3.15 -18.84
N THR C 211 -0.71 2.28 -19.83
CA THR C 211 -1.83 1.82 -20.66
C THR C 211 -1.69 0.33 -20.84
N PRO C 212 -2.78 -0.38 -21.16
CA PRO C 212 -2.73 -1.83 -21.25
C PRO C 212 -2.05 -2.30 -22.53
N ILE C 213 -1.15 -3.28 -22.37
CA ILE C 213 -0.58 -3.97 -23.52
C ILE C 213 -1.44 -5.15 -23.95
N ALA C 214 -2.35 -5.59 -23.09
CA ALA C 214 -3.31 -6.62 -23.44
C ALA C 214 -4.57 -6.38 -22.62
N ALA C 215 -5.70 -6.82 -23.15
CA ALA C 215 -6.97 -6.63 -22.45
C ALA C 215 -7.98 -7.64 -22.99
N GLU C 216 -9.00 -7.88 -22.20
CA GLU C 216 -10.13 -8.66 -22.68
C GLU C 216 -11.42 -8.12 -22.08
N LEU C 217 -12.46 -8.08 -22.91
CA LEU C 217 -13.74 -7.50 -22.56
C LEU C 217 -14.80 -8.59 -22.62
N ASP C 218 -15.60 -8.71 -21.58
CA ASP C 218 -16.76 -9.59 -21.54
C ASP C 218 -17.99 -8.71 -21.58
N CYS C 219 -18.71 -8.73 -22.70
CA CYS C 219 -19.90 -7.93 -22.90
C CYS C 219 -21.10 -8.83 -23.14
N ALA C 220 -22.28 -8.21 -23.08
CA ALA C 220 -23.52 -8.83 -23.50
C ALA C 220 -24.35 -7.76 -24.19
N ASP C 221 -24.99 -8.13 -25.30
CA ASP C 221 -25.87 -7.15 -25.92
C ASP C 221 -27.19 -7.10 -25.13
N THR C 222 -28.09 -6.22 -25.54
CA THR C 222 -29.32 -6.06 -24.78
C THR C 222 -30.25 -7.27 -24.88
N ASP C 223 -29.93 -8.26 -25.73
CA ASP C 223 -30.65 -9.52 -25.77
C ASP C 223 -29.95 -10.61 -24.95
N GLY C 224 -28.83 -10.30 -24.33
CA GLY C 224 -28.08 -11.30 -23.58
C GLY C 224 -27.02 -12.04 -24.36
N VAL C 225 -26.79 -11.67 -25.61
CA VAL C 225 -25.78 -12.31 -26.45
C VAL C 225 -24.40 -11.99 -25.89
N PRO C 226 -23.60 -12.99 -25.50
CA PRO C 226 -22.24 -12.69 -25.02
C PRO C 226 -21.36 -12.22 -26.17
N VAL C 227 -20.69 -11.09 -25.95
CA VAL C 227 -19.72 -10.54 -26.89
C VAL C 227 -18.39 -10.43 -26.16
N ARG C 228 -17.44 -11.27 -26.54
CA ARG C 228 -16.15 -11.34 -25.87
C ARG C 228 -15.05 -10.91 -26.84
N ALA C 229 -14.06 -10.19 -26.31
CA ALA C 229 -13.00 -9.62 -27.13
C ALA C 229 -11.67 -9.77 -26.40
N GLU C 230 -10.64 -10.23 -27.11
CA GLU C 230 -9.29 -10.33 -26.56
C GLU C 230 -8.34 -9.53 -27.42
N PHE C 231 -7.60 -8.63 -26.79
CA PHE C 231 -6.54 -7.86 -27.43
C PHE C 231 -5.23 -8.18 -26.72
N ASP C 232 -4.18 -8.44 -27.50
CA ASP C 232 -2.88 -8.75 -26.92
C ASP C 232 -1.79 -8.26 -27.87
N TRP C 233 -0.91 -7.39 -27.36
CA TRP C 233 0.16 -6.80 -28.14
C TRP C 233 1.52 -7.42 -27.82
N ARG C 234 1.54 -8.53 -27.09
CA ARG C 234 2.79 -9.19 -26.74
C ARG C 234 3.13 -10.26 -27.76
N HIS C 235 4.37 -10.75 -27.69
CA HIS C 235 4.80 -11.81 -28.58
C HIS C 235 4.02 -13.09 -28.30
N GLY C 236 3.52 -13.72 -29.35
CA GLY C 236 2.75 -14.94 -29.22
C GLY C 236 2.98 -15.88 -30.38
N PRO C 237 2.51 -17.13 -30.23
CA PRO C 237 2.63 -18.08 -31.35
C PRO C 237 1.64 -17.83 -32.46
N VAL C 238 0.65 -16.97 -32.24
CA VAL C 238 -0.40 -16.73 -33.23
C VAL C 238 -0.68 -15.24 -33.30
N GLU C 239 -0.59 -14.69 -34.50
CA GLU C 239 -1.19 -13.40 -34.80
C GLU C 239 -2.62 -13.61 -35.28
N GLN C 240 -3.45 -12.59 -35.08
CA GLN C 240 -4.87 -12.82 -35.30
C GLN C 240 -5.57 -11.49 -35.46
N TRP C 241 -6.51 -11.45 -36.39
CA TRP C 241 -7.44 -10.33 -36.52
C TRP C 241 -8.74 -10.97 -37.01
N GLU C 242 -9.69 -11.15 -36.11
CA GLU C 242 -10.93 -11.82 -36.48
C GLU C 242 -12.07 -11.35 -35.60
N ILE C 243 -13.22 -11.15 -36.23
CA ILE C 243 -14.49 -10.98 -35.55
C ILE C 243 -15.37 -12.12 -36.01
N ALA C 244 -15.68 -13.03 -35.09
CA ALA C 244 -16.49 -14.22 -35.39
C ALA C 244 -17.85 -14.06 -34.75
N VAL C 245 -18.90 -14.08 -35.58
CA VAL C 245 -20.27 -13.97 -35.11
C VAL C 245 -20.96 -15.29 -35.44
N ASP C 246 -21.26 -16.07 -34.41
CA ASP C 246 -21.95 -17.34 -34.59
C ASP C 246 -23.45 -17.13 -34.62
N THR C 247 -24.10 -17.66 -35.65
CA THR C 247 -25.55 -17.58 -35.83
C THR C 247 -26.12 -18.98 -35.99
N ALA C 248 -27.45 -19.04 -36.07
CA ALA C 248 -28.12 -20.30 -36.37
C ALA C 248 -27.82 -20.77 -37.78
N ASP C 249 -27.33 -19.88 -38.64
CA ASP C 249 -27.00 -20.20 -40.02
C ASP C 249 -25.51 -20.40 -40.25
N GLY C 250 -24.72 -20.48 -39.19
CA GLY C 250 -23.28 -20.66 -39.30
C GLY C 250 -22.52 -19.42 -38.87
N VAL C 251 -21.20 -19.52 -39.00
CA VAL C 251 -20.27 -18.52 -38.47
C VAL C 251 -19.94 -17.49 -39.54
N LEU C 252 -20.24 -16.22 -39.26
CA LEU C 252 -19.75 -15.11 -40.06
C LEU C 252 -18.43 -14.64 -39.47
N ALA C 253 -17.37 -14.63 -40.28
CA ALA C 253 -16.04 -14.29 -39.81
C ALA C 253 -15.47 -13.13 -40.63
N ILE C 254 -15.12 -12.04 -39.95
CA ILE C 254 -14.40 -10.93 -40.55
C ILE C 254 -12.95 -11.02 -40.12
N SER C 255 -12.04 -10.94 -41.09
CA SER C 255 -10.61 -10.98 -40.79
C SER C 255 -9.90 -9.87 -41.57
N ARG C 256 -8.58 -9.79 -41.37
CA ARG C 256 -7.73 -8.80 -42.03
C ARG C 256 -8.31 -7.40 -41.94
N GLY C 257 -8.63 -6.98 -40.72
CA GLY C 257 -9.10 -5.64 -40.45
C GLY C 257 -10.33 -5.20 -41.21
N GLY C 258 -11.11 -6.16 -41.70
CA GLY C 258 -12.30 -5.85 -42.46
C GLY C 258 -12.17 -6.02 -43.97
N ALA C 259 -11.00 -6.42 -44.46
CA ALA C 259 -10.78 -6.59 -45.89
C ALA C 259 -11.19 -7.97 -46.39
N GLN C 260 -11.61 -8.86 -45.51
CA GLN C 260 -11.94 -10.22 -45.88
C GLN C 260 -13.15 -10.68 -45.06
N LEU C 261 -14.05 -11.41 -45.71
CA LEU C 261 -15.30 -11.83 -45.10
C LEU C 261 -15.65 -13.22 -45.60
N SER C 262 -16.04 -14.09 -44.67
CA SER C 262 -16.46 -15.44 -45.03
C SER C 262 -17.66 -15.83 -44.17
N ILE C 263 -18.56 -16.62 -44.75
CA ILE C 263 -19.78 -17.07 -44.11
C ILE C 263 -19.81 -18.58 -44.20
N ALA C 264 -19.87 -19.25 -43.04
CA ALA C 264 -19.78 -20.70 -42.94
C ALA C 264 -18.50 -21.24 -43.58
N GLY C 265 -17.42 -20.46 -43.50
CA GLY C 265 -16.14 -20.87 -44.05
C GLY C 265 -15.95 -20.60 -45.52
N GLU C 266 -16.99 -20.12 -46.24
CA GLU C 266 -16.85 -19.82 -47.65
C GLU C 266 -16.65 -18.31 -47.86
N PRO C 267 -15.61 -17.89 -48.57
CA PRO C 267 -15.34 -16.45 -48.70
C PRO C 267 -16.44 -15.72 -49.47
N VAL C 268 -16.66 -14.48 -49.07
CA VAL C 268 -17.63 -13.59 -49.71
C VAL C 268 -16.88 -12.59 -50.58
N GLU C 269 -17.34 -12.43 -51.82
CA GLU C 269 -16.74 -11.45 -52.72
C GLU C 269 -17.07 -10.04 -52.25
N LEU C 270 -16.05 -9.19 -52.15
CA LEU C 270 -16.21 -7.82 -51.67
C LEU C 270 -15.55 -6.85 -52.64
N GLY C 271 -16.07 -5.62 -52.66
CA GLY C 271 -15.47 -4.55 -53.41
C GLY C 271 -14.08 -4.23 -52.91
N PRO C 272 -13.32 -3.45 -53.69
CA PRO C 272 -11.98 -3.05 -53.25
C PRO C 272 -12.06 -2.12 -52.05
N GLU C 273 -10.95 -2.08 -51.30
CA GLU C 273 -10.88 -1.21 -50.13
C GLU C 273 -10.79 0.24 -50.57
N ARG C 274 -11.69 1.07 -50.03
CA ARG C 274 -11.72 2.50 -50.29
C ARG C 274 -12.29 3.19 -49.05
N GLU C 275 -11.60 3.01 -47.92
CA GLU C 275 -12.12 3.50 -46.64
C GLU C 275 -12.23 5.02 -46.63
N TYR C 276 -11.15 5.71 -46.98
CA TYR C 276 -11.15 7.16 -46.88
C TYR C 276 -11.94 7.84 -48.00
N PRO C 277 -11.94 7.33 -49.24
CA PRO C 277 -12.94 7.81 -50.21
C PRO C 277 -14.37 7.74 -49.66
N ALA C 278 -14.74 6.62 -49.02
CA ALA C 278 -16.07 6.50 -48.45
C ALA C 278 -16.30 7.52 -47.34
N LEU C 279 -15.30 7.72 -46.48
CA LEU C 279 -15.41 8.70 -45.40
C LEU C 279 -15.69 10.09 -45.96
N TYR C 280 -14.86 10.55 -46.89
CA TYR C 280 -15.02 11.90 -47.41
C TYR C 280 -16.32 12.04 -48.20
N ALA C 281 -16.74 10.99 -48.91
CA ALA C 281 -18.03 11.03 -49.58
C ALA C 281 -19.17 11.17 -48.57
N HIS C 282 -19.07 10.46 -47.44
CA HIS C 282 -20.07 10.62 -46.39
C HIS C 282 -20.01 12.01 -45.77
N PHE C 283 -18.81 12.55 -45.59
CA PHE C 283 -18.67 13.91 -45.07
C PHE C 283 -19.41 14.91 -45.95
N HIS C 284 -19.22 14.81 -47.27
CA HIS C 284 -19.92 15.70 -48.20
C HIS C 284 -21.44 15.53 -48.07
N ALA C 285 -21.91 14.28 -48.03
CA ALA C 285 -23.35 14.03 -47.93
C ALA C 285 -23.93 14.61 -46.65
N LEU C 286 -23.16 14.57 -45.55
CA LEU C 286 -23.63 15.14 -44.29
C LEU C 286 -23.74 16.65 -44.38
N ILE C 287 -22.75 17.31 -44.99
CA ILE C 287 -22.83 18.76 -45.18
C ILE C 287 -24.04 19.11 -46.04
N ALA C 288 -24.23 18.36 -47.14
CA ALA C 288 -25.32 18.66 -48.06
C ALA C 288 -26.68 18.51 -47.38
N ARG C 289 -26.85 17.49 -46.54
CA ARG C 289 -28.11 17.32 -45.82
C ARG C 289 -28.13 18.05 -44.48
N GLY C 290 -27.04 18.74 -44.12
CA GLY C 290 -27.01 19.48 -42.87
C GLY C 290 -27.07 18.61 -41.64
N GLU C 291 -26.41 17.46 -41.66
CA GLU C 291 -26.45 16.51 -40.56
C GLU C 291 -25.05 16.30 -40.00
N SER C 292 -25.01 15.67 -38.82
CA SER C 292 -23.77 15.28 -38.17
C SER C 292 -23.77 13.79 -37.94
N ASP C 293 -22.57 13.23 -37.72
CA ASP C 293 -22.38 11.79 -37.53
C ASP C 293 -21.31 11.61 -36.47
N VAL C 294 -21.73 11.55 -35.21
CA VAL C 294 -20.83 11.45 -34.07
C VAL C 294 -21.24 10.22 -33.28
N ASP C 295 -20.61 9.08 -33.56
CA ASP C 295 -20.84 7.83 -32.83
C ASP C 295 -19.65 7.61 -31.91
N VAL C 296 -19.88 7.74 -30.61
CA VAL C 296 -18.82 7.57 -29.60
C VAL C 296 -18.89 6.23 -28.91
N ARG C 297 -19.83 5.37 -29.30
CA ARG C 297 -19.95 4.06 -28.66
C ARG C 297 -18.66 3.24 -28.63
N PRO C 298 -17.81 3.25 -29.66
CA PRO C 298 -16.52 2.54 -29.51
C PRO C 298 -15.63 3.15 -28.45
N LEU C 299 -15.55 4.48 -28.40
CA LEU C 299 -14.74 5.12 -27.36
C LEU C 299 -15.37 4.96 -25.98
N ARG C 300 -16.70 5.05 -25.90
CA ARG C 300 -17.38 4.85 -24.64
C ARG C 300 -17.16 3.44 -24.10
N LEU C 301 -17.09 2.46 -24.99
CA LEU C 301 -16.82 1.09 -24.57
C LEU C 301 -15.43 0.97 -23.97
N VAL C 302 -14.46 1.66 -24.57
CA VAL C 302 -13.10 1.64 -24.03
C VAL C 302 -13.04 2.36 -22.69
N ALA C 303 -13.74 3.50 -22.58
CA ALA C 303 -13.78 4.21 -21.30
C ALA C 303 -14.36 3.32 -20.21
N ASP C 304 -15.41 2.57 -20.53
CA ASP C 304 -15.98 1.65 -19.55
C ASP C 304 -14.99 0.57 -19.15
N ALA C 305 -14.18 0.10 -20.10
CA ALA C 305 -13.16 -0.88 -19.77
C ALA C 305 -12.11 -0.29 -18.82
N PHE C 306 -11.73 0.98 -19.02
CA PHE C 306 -10.81 1.62 -18.10
C PHE C 306 -11.47 1.90 -16.76
N LEU C 307 -12.75 2.22 -16.77
CA LEU C 307 -13.46 2.55 -15.52
C LEU C 307 -13.77 1.30 -14.71
N PHE C 308 -14.38 0.31 -15.34
CA PHE C 308 -14.90 -0.89 -14.70
C PHE C 308 -13.88 -2.02 -14.67
N GLY C 309 -12.79 -1.92 -15.43
CA GLY C 309 -11.92 -3.06 -15.63
C GLY C 309 -10.99 -3.31 -14.44
N ARG C 310 -10.75 -4.60 -14.18
CA ARG C 310 -9.69 -5.01 -13.27
C ARG C 310 -8.33 -4.76 -13.94
N ARG C 311 -7.35 -4.36 -13.13
CA ARG C 311 -6.02 -4.04 -13.65
C ARG C 311 -4.99 -4.99 -13.06
N VAL C 312 -4.17 -5.58 -13.92
CA VAL C 312 -3.19 -6.58 -13.54
C VAL C 312 -1.83 -6.10 -14.03
N GLN C 313 -0.85 -6.07 -13.12
CA GLN C 313 0.49 -5.60 -13.43
C GLN C 313 1.33 -6.75 -13.98
N THR C 314 2.01 -6.51 -15.09
CA THR C 314 2.87 -7.52 -15.69
C THR C 314 4.30 -6.98 -15.82
N ASP C 315 5.16 -7.77 -16.46
CA ASP C 315 6.58 -7.41 -16.57
C ASP C 315 6.76 -6.13 -17.37
N ALA C 316 7.84 -5.41 -17.04
CA ALA C 316 8.14 -4.16 -17.72
C ALA C 316 8.32 -4.39 -19.22
N PHE C 317 7.95 -3.38 -20.00
CA PHE C 317 7.95 -3.49 -21.45
C PHE C 317 9.28 -3.11 -22.08
N GLY C 318 10.06 -2.27 -21.42
CA GLY C 318 11.33 -1.82 -21.97
C GLY C 318 11.18 -0.54 -22.76
N GLN D 14 -51.47 7.85 -4.70
CA GLN D 14 -50.51 7.03 -3.97
C GLN D 14 -49.80 6.05 -4.91
N VAL D 15 -48.49 6.23 -5.07
CA VAL D 15 -47.70 5.37 -5.95
C VAL D 15 -47.19 4.18 -5.16
N SER D 16 -47.43 2.98 -5.69
CA SER D 16 -46.95 1.76 -5.08
C SER D 16 -45.44 1.63 -5.27
N LEU D 17 -44.71 1.38 -4.18
CA LEU D 17 -43.26 1.44 -4.22
C LEU D 17 -42.63 0.25 -3.52
N GLY D 18 -41.56 -0.28 -4.11
CA GLY D 18 -40.74 -1.30 -3.49
C GLY D 18 -39.29 -0.88 -3.41
N VAL D 19 -38.61 -1.32 -2.35
CA VAL D 19 -37.23 -0.94 -2.08
C VAL D 19 -36.36 -2.18 -2.10
N VAL D 20 -35.23 -2.11 -2.79
CA VAL D 20 -34.32 -3.24 -2.98
C VAL D 20 -32.98 -2.93 -2.35
N GLY D 21 -32.47 -3.85 -1.54
CA GLY D 21 -31.20 -3.68 -0.88
C GLY D 21 -31.33 -2.91 0.42
N ILE D 22 -31.76 -3.59 1.48
CA ILE D 22 -32.11 -2.91 2.74
C ILE D 22 -30.86 -2.94 3.62
N GLY D 23 -29.98 -1.97 3.40
CA GLY D 23 -28.77 -1.86 4.19
C GLY D 23 -28.66 -0.53 4.92
N LYS D 24 -27.43 -0.02 5.03
CA LYS D 24 -27.17 1.17 5.83
C LYS D 24 -28.02 2.36 5.38
N ILE D 25 -27.86 2.77 4.13
CA ILE D 25 -28.54 3.98 3.66
C ILE D 25 -30.04 3.74 3.52
N ALA D 26 -30.45 2.51 3.24
CA ALA D 26 -31.88 2.20 3.16
C ALA D 26 -32.56 2.46 4.49
N ARG D 27 -31.91 2.09 5.60
CA ARG D 27 -32.49 2.31 6.92
C ARG D 27 -32.33 3.76 7.37
N ASP D 28 -31.18 4.38 7.10
CA ASP D 28 -30.94 5.73 7.59
C ASP D 28 -31.78 6.76 6.85
N GLN D 29 -31.87 6.63 5.54
CA GLN D 29 -32.41 7.70 4.72
C GLN D 29 -33.62 7.30 3.89
N HIS D 30 -33.59 6.14 3.24
CA HIS D 30 -34.64 5.81 2.27
C HIS D 30 -35.97 5.55 2.96
N LEU D 31 -36.02 4.58 3.86
CA LEU D 31 -37.27 4.25 4.53
C LEU D 31 -37.85 5.41 5.34
N PRO D 32 -37.08 6.17 6.13
CA PRO D 32 -37.69 7.35 6.79
C PRO D 32 -38.25 8.35 5.80
N ALA D 33 -37.56 8.60 4.69
CA ALA D 33 -38.07 9.54 3.69
C ALA D 33 -39.34 9.04 3.04
N ILE D 34 -39.36 7.76 2.63
CA ILE D 34 -40.56 7.18 2.06
C ILE D 34 -41.72 7.25 3.05
N ASP D 35 -41.44 6.96 4.33
CA ASP D 35 -42.47 7.00 5.36
C ASP D 35 -43.16 8.36 5.41
N ALA D 36 -42.41 9.45 5.24
CA ALA D 36 -42.95 10.79 5.36
C ALA D 36 -43.53 11.33 4.06
N GLU D 37 -43.51 10.56 2.98
CA GLU D 37 -43.99 11.01 1.69
C GLU D 37 -45.34 10.36 1.39
N PRO D 38 -46.45 11.07 1.57
CA PRO D 38 -47.77 10.45 1.35
C PRO D 38 -48.02 10.04 -0.09
N GLY D 39 -47.35 10.65 -1.06
CA GLY D 39 -47.50 10.25 -2.45
C GLY D 39 -47.03 8.83 -2.74
N PHE D 40 -46.38 8.18 -1.79
CA PHE D 40 -45.89 6.82 -1.94
C PHE D 40 -46.50 5.92 -0.88
N LYS D 41 -46.68 4.65 -1.25
CA LYS D 41 -47.12 3.61 -0.33
C LYS D 41 -46.09 2.48 -0.39
N LEU D 42 -45.25 2.39 0.64
CA LEU D 42 -44.27 1.32 0.70
C LEU D 42 -44.98 -0.03 0.76
N THR D 43 -44.90 -0.79 -0.32
CA THR D 43 -45.64 -2.04 -0.47
C THR D 43 -44.80 -3.28 -0.17
N ALA D 44 -43.54 -3.29 -0.59
CA ALA D 44 -42.71 -4.48 -0.44
C ALA D 44 -41.25 -4.08 -0.42
N CYS D 45 -40.43 -4.96 0.15
CA CYS D 45 -38.99 -4.80 0.13
C CYS D 45 -38.34 -6.13 -0.21
N ALA D 46 -37.20 -6.06 -0.88
CA ALA D 46 -36.38 -7.23 -1.19
C ALA D 46 -35.03 -7.07 -0.53
N SER D 47 -34.54 -8.15 0.07
CA SER D 47 -33.21 -8.17 0.68
C SER D 47 -32.87 -9.60 1.03
N ARG D 48 -31.61 -9.98 0.80
CA ARG D 48 -31.22 -11.36 1.06
C ARG D 48 -31.13 -11.64 2.56
N HIS D 49 -30.69 -10.66 3.35
CA HIS D 49 -30.42 -10.89 4.76
C HIS D 49 -31.09 -9.84 5.66
N ALA D 50 -32.26 -9.33 5.28
CA ALA D 50 -32.96 -8.38 6.12
C ALA D 50 -34.43 -8.36 5.74
N GLU D 51 -35.26 -7.95 6.70
CA GLU D 51 -36.70 -7.82 6.51
C GLU D 51 -37.16 -6.47 7.07
N VAL D 52 -38.22 -5.94 6.46
CA VAL D 52 -38.80 -4.67 6.85
C VAL D 52 -40.21 -4.95 7.37
N THR D 53 -40.50 -4.49 8.58
CA THR D 53 -41.76 -4.83 9.22
C THR D 53 -42.89 -3.97 8.68
N GLY D 54 -44.08 -4.56 8.57
CA GLY D 54 -45.24 -3.86 8.07
C GLY D 54 -45.44 -3.93 6.57
N VAL D 55 -44.53 -4.59 5.85
CA VAL D 55 -44.64 -4.74 4.40
C VAL D 55 -44.27 -6.16 4.03
N ARG D 56 -44.64 -6.57 2.83
CA ARG D 56 -44.27 -7.87 2.31
C ARG D 56 -42.78 -7.90 1.99
N ASN D 57 -42.12 -9.01 2.30
CA ASN D 57 -40.68 -9.12 2.19
C ASN D 57 -40.30 -10.27 1.27
N TYR D 58 -39.30 -10.03 0.42
CA TYR D 58 -38.80 -11.02 -0.51
C TYR D 58 -37.29 -11.10 -0.38
N ARG D 59 -36.74 -12.24 -0.81
CA ARG D 59 -35.31 -12.45 -0.72
C ARG D 59 -34.54 -11.84 -1.88
N ASP D 60 -35.21 -11.59 -3.02
CA ASP D 60 -34.56 -11.00 -4.17
C ASP D 60 -35.59 -10.24 -4.99
N LEU D 61 -35.09 -9.41 -5.91
CA LEU D 61 -35.97 -8.60 -6.74
C LEU D 61 -36.84 -9.45 -7.65
N ARG D 62 -36.27 -10.54 -8.21
CA ARG D 62 -37.04 -11.38 -9.12
C ARG D 62 -38.30 -11.91 -8.47
N ALA D 63 -38.21 -12.38 -7.22
CA ALA D 63 -39.39 -12.88 -6.53
C ALA D 63 -40.37 -11.75 -6.23
N LEU D 64 -39.87 -10.58 -5.82
CA LEU D 64 -40.74 -9.43 -5.57
C LEU D 64 -41.53 -9.06 -6.81
N LEU D 65 -40.86 -9.01 -7.97
CA LEU D 65 -41.52 -8.60 -9.19
C LEU D 65 -42.52 -9.65 -9.67
N ALA D 66 -42.20 -10.94 -9.48
CA ALA D 66 -43.11 -11.99 -9.91
C ALA D 66 -44.44 -11.91 -9.18
N ALA D 67 -44.42 -11.49 -7.92
CA ALA D 67 -45.63 -11.49 -7.10
C ALA D 67 -46.35 -10.15 -7.10
N GLU D 68 -45.61 -9.03 -7.08
CA GLU D 68 -46.22 -7.71 -6.95
C GLU D 68 -46.57 -7.16 -8.33
N ARG D 69 -47.64 -7.72 -8.89
CA ARG D 69 -48.12 -7.30 -10.21
C ARG D 69 -48.57 -5.85 -10.19
N GLU D 70 -49.21 -5.41 -9.11
CA GLU D 70 -49.75 -4.06 -9.01
C GLU D 70 -48.71 -3.02 -8.62
N LEU D 71 -47.49 -3.43 -8.32
CA LEU D 71 -46.46 -2.49 -7.89
C LEU D 71 -46.16 -1.48 -8.99
N ASP D 72 -46.05 -0.21 -8.60
CA ASP D 72 -45.80 0.86 -9.56
C ASP D 72 -44.32 1.13 -9.78
N ALA D 73 -43.55 1.21 -8.69
CA ALA D 73 -42.19 1.73 -8.76
C ALA D 73 -41.26 0.95 -7.84
N VAL D 74 -39.98 0.96 -8.16
CA VAL D 74 -38.95 0.34 -7.34
C VAL D 74 -37.82 1.35 -7.10
N SER D 75 -37.21 1.26 -5.93
CA SER D 75 -36.08 2.10 -5.53
C SER D 75 -34.91 1.18 -5.20
N LEU D 76 -33.78 1.38 -5.87
CA LEU D 76 -32.62 0.51 -5.73
C LEU D 76 -31.60 1.14 -4.80
N CYS D 77 -31.21 0.40 -3.75
CA CYS D 77 -30.22 0.85 -2.78
C CYS D 77 -29.09 -0.16 -2.60
N ALA D 78 -28.88 -1.05 -3.57
CA ALA D 78 -27.82 -2.03 -3.54
C ALA D 78 -26.52 -1.41 -4.05
N PRO D 79 -25.39 -2.12 -3.94
CA PRO D 79 -24.13 -1.61 -4.53
C PRO D 79 -24.28 -1.39 -6.02
N PRO D 80 -23.46 -0.50 -6.60
CA PRO D 80 -23.63 -0.17 -8.03
C PRO D 80 -23.33 -1.32 -8.97
N GLN D 81 -22.57 -2.33 -8.56
CA GLN D 81 -22.23 -3.43 -9.46
C GLN D 81 -23.43 -4.27 -9.86
N VAL D 82 -24.49 -4.30 -9.06
CA VAL D 82 -25.70 -5.04 -9.38
C VAL D 82 -26.83 -4.13 -9.82
N ARG D 83 -26.55 -2.83 -9.99
CA ARG D 83 -27.60 -1.87 -10.34
C ARG D 83 -28.19 -2.14 -11.72
N TYR D 84 -27.36 -2.57 -12.68
CA TYR D 84 -27.85 -2.73 -14.04
C TYR D 84 -28.83 -3.90 -14.13
N ALA D 85 -28.41 -5.08 -13.66
CA ALA D 85 -29.27 -6.26 -13.71
C ALA D 85 -30.59 -6.00 -12.98
N GLN D 86 -30.53 -5.33 -11.82
CA GLN D 86 -31.75 -5.06 -11.06
C GLN D 86 -32.64 -4.05 -11.77
N ALA D 87 -32.05 -2.93 -12.22
CA ALA D 87 -32.85 -1.91 -12.89
C ALA D 87 -33.42 -2.44 -14.20
N ARG D 88 -32.65 -3.26 -14.91
CA ARG D 88 -33.18 -3.86 -16.14
C ARG D 88 -34.41 -4.70 -15.85
N ALA D 89 -34.30 -5.63 -14.90
CA ALA D 89 -35.41 -6.52 -14.60
C ALA D 89 -36.66 -5.75 -14.18
N ALA D 90 -36.48 -4.66 -13.40
CA ALA D 90 -37.63 -3.88 -12.97
C ALA D 90 -38.27 -3.15 -14.14
N LEU D 91 -37.46 -2.65 -15.08
CA LEU D 91 -38.01 -1.96 -16.23
C LEU D 91 -38.71 -2.93 -17.18
N GLU D 92 -38.17 -4.15 -17.31
CA GLU D 92 -38.85 -5.17 -18.11
C GLU D 92 -40.25 -5.45 -17.56
N ALA D 93 -40.40 -5.41 -16.23
CA ALA D 93 -41.66 -5.71 -15.58
C ALA D 93 -42.62 -4.53 -15.56
N GLY D 94 -42.24 -3.40 -16.15
CA GLY D 94 -43.12 -2.24 -16.21
C GLY D 94 -43.10 -1.34 -15.00
N LYS D 95 -42.00 -1.29 -14.25
CA LYS D 95 -41.91 -0.49 -13.05
C LYS D 95 -41.06 0.75 -13.28
N HIS D 96 -41.54 1.89 -12.77
CA HIS D 96 -40.68 3.04 -12.62
C HIS D 96 -39.51 2.69 -11.69
N VAL D 97 -38.35 3.27 -11.97
CA VAL D 97 -37.12 2.88 -11.29
C VAL D 97 -36.37 4.12 -10.81
N MET D 98 -35.98 4.12 -9.55
CA MET D 98 -35.14 5.15 -8.96
C MET D 98 -33.81 4.53 -8.58
N LEU D 99 -32.71 5.16 -9.01
CA LEU D 99 -31.36 4.63 -8.80
C LEU D 99 -30.60 5.44 -7.77
N GLU D 100 -29.90 4.74 -6.88
CA GLU D 100 -28.89 5.38 -6.06
C GLU D 100 -27.68 5.77 -6.90
N LYS D 101 -26.84 6.64 -6.35
CA LYS D 101 -25.63 6.99 -7.09
C LYS D 101 -24.55 5.94 -6.83
N PRO D 102 -23.64 5.71 -7.79
CA PRO D 102 -23.72 6.16 -9.19
C PRO D 102 -24.80 5.35 -9.91
N PRO D 103 -25.32 5.87 -11.03
CA PRO D 103 -26.39 5.14 -11.72
C PRO D 103 -25.97 3.81 -12.30
N GLY D 104 -24.67 3.51 -12.32
CA GLY D 104 -24.22 2.22 -12.82
C GLY D 104 -22.73 2.08 -12.65
N ALA D 105 -22.23 0.90 -13.02
CA ALA D 105 -20.79 0.66 -13.04
C ALA D 105 -20.12 1.16 -14.31
N THR D 106 -20.90 1.33 -15.39
CA THR D 106 -20.38 1.82 -16.65
C THR D 106 -21.38 2.82 -17.23
N LEU D 107 -20.93 3.57 -18.23
CA LEU D 107 -21.83 4.50 -18.91
C LEU D 107 -22.74 3.79 -19.90
N GLY D 108 -22.27 2.70 -20.52
CA GLY D 108 -23.13 1.96 -21.43
C GLY D 108 -24.37 1.40 -20.76
N GLU D 109 -24.22 0.87 -19.54
CA GLU D 109 -25.37 0.42 -18.76
C GLU D 109 -26.47 1.46 -18.74
N VAL D 110 -26.11 2.70 -18.38
CA VAL D 110 -27.11 3.73 -18.14
C VAL D 110 -27.81 4.12 -19.44
N ALA D 111 -27.04 4.25 -20.54
CA ALA D 111 -27.65 4.54 -21.82
C ALA D 111 -28.67 3.47 -22.21
N VAL D 112 -28.36 2.20 -21.92
CA VAL D 112 -29.27 1.12 -22.28
C VAL D 112 -30.50 1.14 -21.38
N LEU D 113 -30.32 1.37 -20.08
CA LEU D 113 -31.48 1.48 -19.19
C LEU D 113 -32.37 2.64 -19.61
N GLU D 114 -31.76 3.74 -20.06
CA GLU D 114 -32.52 4.93 -20.45
C GLU D 114 -33.35 4.67 -21.71
N ALA D 115 -32.77 3.99 -22.69
CA ALA D 115 -33.53 3.65 -23.90
C ALA D 115 -34.67 2.70 -23.56
N LEU D 116 -34.41 1.70 -22.71
CA LEU D 116 -35.44 0.75 -22.33
C LEU D 116 -36.60 1.43 -21.61
N ALA D 117 -36.29 2.36 -20.70
CA ALA D 117 -37.34 3.07 -19.99
C ALA D 117 -38.21 3.88 -20.95
N ARG D 118 -37.57 4.55 -21.92
CA ARG D 118 -38.33 5.28 -22.93
C ARG D 118 -39.09 4.33 -23.85
N GLU D 119 -38.55 3.14 -24.09
CA GLU D 119 -39.25 2.10 -24.83
C GLU D 119 -40.30 1.39 -23.97
N ARG D 120 -40.41 1.74 -22.69
CA ARG D 120 -41.47 1.22 -21.84
C ARG D 120 -42.31 2.33 -21.22
N GLY D 121 -42.10 3.58 -21.65
CA GLY D 121 -42.79 4.73 -21.08
C GLY D 121 -42.54 4.98 -19.62
N LEU D 122 -41.51 4.38 -19.05
CA LEU D 122 -41.28 4.38 -17.62
C LEU D 122 -40.36 5.52 -17.19
N THR D 123 -40.49 5.92 -15.93
CA THR D 123 -39.59 6.91 -15.35
C THR D 123 -38.31 6.21 -14.88
N LEU D 124 -37.18 6.68 -15.37
CA LEU D 124 -35.87 6.32 -14.82
C LEU D 124 -35.30 7.56 -14.15
N PHE D 125 -34.91 7.42 -12.89
CA PHE D 125 -34.43 8.55 -12.10
C PHE D 125 -33.07 8.17 -11.52
N ALA D 126 -32.01 8.70 -12.12
CA ALA D 126 -30.66 8.60 -11.56
C ALA D 126 -30.50 9.72 -10.53
N THR D 127 -30.39 9.37 -9.26
CA THR D 127 -30.36 10.35 -8.19
C THR D 127 -28.94 10.76 -7.83
N TRP D 128 -28.81 12.00 -7.36
CA TRP D 128 -27.58 12.53 -6.77
C TRP D 128 -28.01 13.26 -5.50
N HIS D 129 -27.99 12.53 -4.37
CA HIS D 129 -28.55 13.08 -3.14
C HIS D 129 -27.88 14.38 -2.75
N SER D 130 -26.58 14.51 -3.02
CA SER D 130 -25.87 15.74 -2.64
C SER D 130 -26.40 16.96 -3.38
N ARG D 131 -26.96 16.76 -4.59
CA ARG D 131 -27.52 17.87 -5.35
C ARG D 131 -28.74 18.49 -4.68
N CYS D 132 -29.34 17.80 -3.72
CA CYS D 132 -30.48 18.31 -2.97
C CYS D 132 -30.09 18.93 -1.64
N ALA D 133 -28.80 18.96 -1.32
CA ALA D 133 -28.34 19.70 -0.14
C ALA D 133 -28.74 21.16 -0.26
N SER D 134 -28.97 21.78 0.89
CA SER D 134 -29.63 23.09 0.90
C SER D 134 -28.79 24.18 0.25
N ALA D 135 -27.46 24.05 0.31
CA ALA D 135 -26.60 25.10 -0.25
C ALA D 135 -26.50 25.07 -1.76
N VAL D 136 -27.01 24.03 -2.42
CA VAL D 136 -26.70 23.82 -3.84
C VAL D 136 -27.49 24.77 -4.73
N GLU D 137 -28.80 24.90 -4.49
CA GLU D 137 -29.61 25.75 -5.36
C GLU D 137 -29.30 27.23 -5.15
N PRO D 138 -29.16 27.73 -3.92
CA PRO D 138 -28.70 29.11 -3.76
C PRO D 138 -27.34 29.36 -4.39
N ALA D 139 -26.40 28.42 -4.27
CA ALA D 139 -25.10 28.58 -4.91
C ALA D 139 -25.24 28.66 -6.42
N ARG D 140 -26.12 27.82 -7.00
CA ARG D 140 -26.31 27.85 -8.45
C ARG D 140 -26.94 29.16 -8.89
N GLU D 141 -27.90 29.68 -8.12
CA GLU D 141 -28.52 30.95 -8.49
C GLU D 141 -27.53 32.11 -8.36
N TRP D 142 -26.69 32.08 -7.33
CA TRP D 142 -25.73 33.15 -7.13
C TRP D 142 -24.65 33.15 -8.21
N LEU D 143 -24.26 31.97 -8.68
CA LEU D 143 -23.18 31.85 -9.65
C LEU D 143 -23.64 31.97 -11.10
N ALA D 144 -24.95 32.01 -11.34
CA ALA D 144 -25.44 32.00 -12.71
C ALA D 144 -25.01 33.26 -13.47
N THR D 145 -25.01 34.41 -12.81
CA THR D 145 -24.77 35.69 -13.45
C THR D 145 -23.38 36.25 -13.23
N ARG D 146 -22.50 35.52 -12.53
CA ARG D 146 -21.26 36.08 -12.07
C ARG D 146 -20.06 35.48 -12.79
N ALA D 147 -18.97 36.26 -12.81
CA ALA D 147 -17.74 35.89 -13.49
C ALA D 147 -16.92 34.98 -12.59
N ILE D 148 -16.86 33.71 -12.93
CA ILE D 148 -16.13 32.72 -12.15
C ILE D 148 -14.67 32.73 -12.57
N ARG D 149 -13.77 32.70 -11.58
CA ARG D 149 -12.33 32.68 -11.82
C ARG D 149 -11.72 31.30 -11.62
N ALA D 150 -12.07 30.61 -10.54
CA ALA D 150 -11.47 29.32 -10.23
C ALA D 150 -12.40 28.54 -9.32
N VAL D 151 -12.21 27.23 -9.31
CA VAL D 151 -12.98 26.31 -8.47
C VAL D 151 -12.01 25.33 -7.83
N GLN D 152 -12.10 25.17 -6.50
CA GLN D 152 -11.31 24.18 -5.78
C GLN D 152 -12.24 23.27 -4.99
N VAL D 153 -11.99 21.96 -5.07
CA VAL D 153 -12.79 20.96 -4.39
C VAL D 153 -11.89 20.15 -3.48
N ARG D 154 -12.30 19.98 -2.22
CA ARG D 154 -11.56 19.19 -1.24
C ARG D 154 -12.54 18.27 -0.52
N TRP D 155 -12.42 16.97 -0.79
CA TRP D 155 -13.32 15.94 -0.28
C TRP D 155 -12.42 14.90 0.38
N LYS D 156 -12.20 15.03 1.69
CA LYS D 156 -11.23 14.21 2.39
C LYS D 156 -11.82 13.68 3.69
N ALA D 157 -11.77 12.36 3.87
CA ALA D 157 -12.23 11.71 5.09
C ALA D 157 -11.52 10.36 5.20
N ASP D 158 -11.52 9.81 6.41
CA ASP D 158 -10.91 8.51 6.66
C ASP D 158 -11.94 7.43 6.37
N VAL D 159 -11.67 6.61 5.35
CA VAL D 159 -12.62 5.56 4.98
C VAL D 159 -12.80 4.56 6.11
N ARG D 160 -11.77 4.36 6.93
CA ARG D 160 -11.90 3.44 8.05
C ARG D 160 -12.88 3.95 9.10
N ARG D 161 -13.02 5.26 9.21
CA ARG D 161 -14.02 5.82 10.12
C ARG D 161 -15.40 5.86 9.48
N TRP D 162 -15.47 6.20 8.18
CA TRP D 162 -16.73 6.49 7.53
C TRP D 162 -17.34 5.30 6.79
N HIS D 163 -16.54 4.28 6.46
CA HIS D 163 -17.05 3.08 5.79
C HIS D 163 -16.32 1.87 6.35
N PRO D 164 -16.57 1.53 7.61
CA PRO D 164 -15.79 0.47 8.26
C PRO D 164 -16.11 -0.89 7.67
N GLY D 165 -15.05 -1.61 7.26
CA GLY D 165 -15.18 -2.97 6.79
C GLY D 165 -15.86 -3.15 5.44
N GLN D 166 -16.35 -2.07 4.84
CA GLN D 166 -17.07 -2.18 3.57
C GLN D 166 -16.12 -2.62 2.46
N GLN D 167 -16.61 -3.51 1.60
CA GLN D 167 -15.76 -4.22 0.65
C GLN D 167 -15.99 -3.87 -0.81
N TRP D 168 -17.24 -3.66 -1.23
CA TRP D 168 -17.48 -3.45 -2.65
C TRP D 168 -16.87 -2.16 -3.16
N ILE D 169 -16.57 -1.20 -2.28
CA ILE D 169 -15.92 0.04 -2.67
C ILE D 169 -14.53 -0.22 -3.25
N TRP D 170 -13.91 -1.34 -2.90
CA TRP D 170 -12.57 -1.68 -3.36
C TRP D 170 -12.57 -2.61 -4.57
N GLU D 171 -13.73 -2.93 -5.10
CA GLU D 171 -13.83 -3.85 -6.22
C GLU D 171 -14.09 -3.08 -7.50
N PRO D 172 -13.77 -3.68 -8.66
CA PRO D 172 -14.13 -3.05 -9.94
C PRO D 172 -15.59 -2.62 -9.96
N GLY D 173 -15.82 -1.37 -10.35
CA GLY D 173 -17.14 -0.80 -10.33
C GLY D 173 -17.52 -0.09 -9.05
N GLY D 174 -16.67 -0.15 -8.02
CA GLY D 174 -16.97 0.45 -6.74
C GLY D 174 -16.48 1.86 -6.54
N LEU D 175 -15.72 2.39 -7.50
CA LEU D 175 -15.29 3.80 -7.56
C LEU D 175 -14.21 4.15 -6.55
N GLY D 176 -14.15 3.44 -5.42
CA GLY D 176 -13.19 3.82 -4.40
C GLY D 176 -13.52 5.19 -3.86
N VAL D 177 -12.48 6.03 -3.70
CA VAL D 177 -12.68 7.37 -3.17
C VAL D 177 -13.64 8.19 -4.04
N PHE D 178 -13.92 7.74 -5.27
CA PHE D 178 -14.91 8.42 -6.09
C PHE D 178 -16.34 8.09 -5.69
N ASP D 179 -16.54 7.11 -4.81
CA ASP D 179 -17.89 6.85 -4.31
C ASP D 179 -18.45 8.08 -3.58
N PRO D 180 -17.75 8.69 -2.60
CA PRO D 180 -18.20 9.99 -2.11
C PRO D 180 -17.73 11.14 -3.01
N GLY D 181 -16.58 10.96 -3.66
CA GLY D 181 -16.05 12.01 -4.50
C GLY D 181 -16.99 12.42 -5.63
N ILE D 182 -17.76 11.46 -6.16
CA ILE D 182 -18.70 11.79 -7.23
C ILE D 182 -19.87 12.62 -6.69
N ASN D 183 -20.10 12.61 -5.38
CA ASN D 183 -21.07 13.53 -4.79
C ASN D 183 -20.64 14.98 -5.01
N ALA D 184 -19.35 15.26 -4.77
CA ALA D 184 -18.84 16.61 -4.99
C ALA D 184 -18.99 17.03 -6.45
N LEU D 185 -18.65 16.12 -7.37
CA LEU D 185 -18.79 16.43 -8.79
C LEU D 185 -20.25 16.65 -9.18
N SER D 186 -21.18 16.00 -8.49
CA SER D 186 -22.58 16.22 -8.83
C SER D 186 -23.07 17.57 -8.35
N ILE D 187 -22.47 18.11 -7.27
CA ILE D 187 -22.77 19.48 -6.88
C ILE D 187 -22.14 20.45 -7.87
N VAL D 188 -20.88 20.20 -8.23
CA VAL D 188 -20.14 21.10 -9.13
C VAL D 188 -20.85 21.22 -10.47
N THR D 189 -21.21 20.08 -11.07
CA THR D 189 -21.86 20.12 -12.38
C THR D 189 -23.26 20.71 -12.31
N ARG D 190 -23.84 20.84 -11.12
CA ARG D 190 -25.15 21.47 -10.97
C ARG D 190 -25.05 22.98 -10.82
N ILE D 191 -24.03 23.48 -10.12
CA ILE D 191 -23.94 24.91 -9.84
C ILE D 191 -23.20 25.67 -10.94
N LEU D 192 -22.28 25.02 -11.64
CA LEU D 192 -21.54 25.73 -12.68
C LEU D 192 -22.39 25.82 -13.95
N PRO D 193 -22.37 26.97 -14.64
CA PRO D 193 -23.15 27.10 -15.89
C PRO D 193 -22.51 26.45 -17.10
N ARG D 194 -21.24 26.05 -17.03
CA ARG D 194 -20.53 25.49 -18.17
C ARG D 194 -20.12 24.05 -17.90
N GLU D 195 -20.07 23.26 -18.96
CA GLU D 195 -19.66 21.87 -18.87
C GLU D 195 -18.17 21.78 -18.56
N LEU D 196 -17.78 20.68 -17.94
CA LEU D 196 -16.39 20.44 -17.56
C LEU D 196 -15.73 19.48 -18.55
N VAL D 197 -14.43 19.69 -18.77
CA VAL D 197 -13.62 18.78 -19.57
C VAL D 197 -12.35 18.48 -18.79
N LEU D 198 -12.07 17.19 -18.61
CA LEU D 198 -10.88 16.79 -17.88
C LEU D 198 -9.62 17.09 -18.68
N ARG D 199 -8.57 17.50 -17.98
CA ARG D 199 -7.28 17.75 -18.59
C ARG D 199 -6.17 16.86 -18.05
N GLU D 200 -6.21 16.54 -16.76
CA GLU D 200 -5.20 15.69 -16.15
C GLU D 200 -5.81 15.06 -14.91
N ALA D 201 -5.38 13.83 -14.61
CA ALA D 201 -5.84 13.16 -13.41
C ALA D 201 -4.75 12.22 -12.90
N THR D 202 -4.69 12.08 -11.57
CA THR D 202 -3.81 11.11 -10.93
C THR D 202 -4.65 10.30 -9.95
N LEU D 203 -4.63 8.98 -10.11
CA LEU D 203 -5.31 8.07 -9.19
C LEU D 203 -4.26 7.33 -8.38
N ILE D 204 -4.46 7.25 -7.07
CA ILE D 204 -3.55 6.57 -6.17
C ILE D 204 -4.27 5.33 -5.64
N VAL D 205 -3.72 4.16 -5.93
CA VAL D 205 -4.40 2.89 -5.75
C VAL D 205 -3.58 2.01 -4.82
N PRO D 206 -4.12 1.60 -3.68
CA PRO D 206 -3.41 0.62 -2.84
C PRO D 206 -3.17 -0.69 -3.58
N SER D 207 -2.02 -1.30 -3.31
CA SER D 207 -1.56 -2.47 -4.06
C SER D 207 -2.45 -3.69 -3.87
N ASP D 208 -3.43 -3.64 -2.98
CA ASP D 208 -4.30 -4.78 -2.73
C ASP D 208 -5.76 -4.51 -3.06
N VAL D 209 -6.06 -3.42 -3.78
CA VAL D 209 -7.42 -3.11 -4.19
C VAL D 209 -7.40 -2.65 -5.64
N GLN D 210 -8.59 -2.48 -6.20
CA GLN D 210 -8.75 -2.16 -7.62
C GLN D 210 -9.29 -0.76 -7.86
N THR D 211 -9.56 0.01 -6.81
CA THR D 211 -10.12 1.35 -6.93
C THR D 211 -9.23 2.34 -6.19
N PRO D 212 -9.27 3.61 -6.58
CA PRO D 212 -8.35 4.58 -5.96
C PRO D 212 -8.75 4.93 -4.53
N ILE D 213 -7.75 5.11 -3.68
CA ILE D 213 -7.98 5.64 -2.34
C ILE D 213 -7.80 7.16 -2.30
N ALA D 214 -7.16 7.74 -3.29
CA ALA D 214 -7.01 9.18 -3.39
C ALA D 214 -6.90 9.55 -4.86
N ALA D 215 -7.38 10.75 -5.19
CA ALA D 215 -7.40 11.18 -6.58
C ALA D 215 -7.25 12.68 -6.66
N GLU D 216 -6.68 13.14 -7.77
CA GLU D 216 -6.55 14.55 -8.08
C GLU D 216 -7.07 14.78 -9.49
N LEU D 217 -7.97 15.75 -9.64
CA LEU D 217 -8.59 16.05 -10.92
C LEU D 217 -8.31 17.49 -11.30
N ASP D 218 -7.81 17.70 -12.51
CA ASP D 218 -7.56 19.02 -13.07
C ASP D 218 -8.44 19.15 -14.32
N CYS D 219 -9.52 19.91 -14.20
CA CYS D 219 -10.43 20.13 -15.30
C CYS D 219 -10.56 21.62 -15.60
N ALA D 220 -11.31 21.91 -16.66
CA ALA D 220 -11.68 23.27 -17.01
C ALA D 220 -13.10 23.26 -17.53
N ASP D 221 -13.82 24.36 -17.31
CA ASP D 221 -15.08 24.48 -18.01
C ASP D 221 -14.80 25.02 -19.41
N THR D 222 -15.85 25.12 -20.24
CA THR D 222 -15.63 25.44 -21.64
C THR D 222 -15.15 26.87 -21.87
N ASP D 223 -15.12 27.70 -20.83
CA ASP D 223 -14.55 29.04 -20.93
C ASP D 223 -13.14 29.10 -20.36
N GLY D 224 -12.53 27.95 -20.06
CA GLY D 224 -11.18 27.90 -19.54
C GLY D 224 -11.07 28.06 -18.05
N VAL D 225 -12.18 28.20 -17.34
CA VAL D 225 -12.17 28.34 -15.89
C VAL D 225 -11.59 27.06 -15.29
N PRO D 226 -10.49 27.13 -14.54
CA PRO D 226 -9.91 25.91 -13.98
C PRO D 226 -10.73 25.36 -12.83
N VAL D 227 -10.83 24.04 -12.76
CA VAL D 227 -11.52 23.34 -11.69
C VAL D 227 -10.59 22.24 -11.20
N ARG D 228 -10.08 22.40 -9.97
CA ARG D 228 -9.19 21.41 -9.36
C ARG D 228 -9.93 20.72 -8.22
N ALA D 229 -9.87 19.39 -8.22
CA ALA D 229 -10.55 18.59 -7.20
C ALA D 229 -9.55 17.65 -6.55
N GLU D 230 -9.62 17.54 -5.23
CA GLU D 230 -8.75 16.66 -4.46
C GLU D 230 -9.62 15.72 -3.64
N PHE D 231 -9.43 14.42 -3.83
CA PHE D 231 -10.18 13.38 -3.13
C PHE D 231 -9.19 12.52 -2.36
N ASP D 232 -9.49 12.25 -1.09
CA ASP D 232 -8.59 11.43 -0.29
C ASP D 232 -9.36 10.65 0.75
N TRP D 233 -9.11 9.35 0.82
CA TRP D 233 -9.71 8.47 1.81
C TRP D 233 -8.72 8.00 2.87
N ARG D 234 -7.48 8.47 2.81
CA ARG D 234 -6.48 8.07 3.79
C ARG D 234 -6.63 8.90 5.07
N HIS D 235 -6.02 8.40 6.14
CA HIS D 235 -6.02 9.13 7.40
C HIS D 235 -5.20 10.40 7.25
N GLY D 236 -5.83 11.55 7.48
CA GLY D 236 -5.18 12.83 7.31
C GLY D 236 -5.50 13.81 8.40
N PRO D 237 -4.83 14.96 8.41
CA PRO D 237 -5.02 15.92 9.50
C PRO D 237 -6.43 16.46 9.62
N VAL D 238 -7.17 16.63 8.53
CA VAL D 238 -8.46 17.32 8.55
C VAL D 238 -9.44 16.58 7.65
N GLU D 239 -10.70 16.53 8.09
CA GLU D 239 -11.81 16.02 7.29
C GLU D 239 -12.62 17.19 6.76
N GLN D 240 -12.90 17.19 5.47
CA GLN D 240 -13.55 18.33 4.83
C GLN D 240 -14.27 17.89 3.57
N TRP D 241 -15.41 18.54 3.29
CA TRP D 241 -16.22 18.30 2.09
C TRP D 241 -16.59 19.67 1.56
N GLU D 242 -15.66 20.29 0.83
CA GLU D 242 -15.76 21.71 0.52
C GLU D 242 -15.63 21.96 -0.98
N ILE D 243 -16.42 22.92 -1.46
CA ILE D 243 -16.30 23.45 -2.81
C ILE D 243 -16.17 24.96 -2.66
N ALA D 244 -15.09 25.52 -3.23
CA ALA D 244 -14.83 26.95 -3.16
C ALA D 244 -14.80 27.49 -4.58
N VAL D 245 -15.64 28.49 -4.84
CA VAL D 245 -15.75 29.10 -6.16
C VAL D 245 -15.37 30.58 -6.02
N ASP D 246 -14.23 30.96 -6.59
CA ASP D 246 -13.79 32.35 -6.53
C ASP D 246 -14.35 33.10 -7.73
N THR D 247 -15.01 34.22 -7.46
CA THR D 247 -15.56 35.10 -8.48
C THR D 247 -15.05 36.52 -8.25
N ALA D 248 -15.40 37.41 -9.18
CA ALA D 248 -15.04 38.82 -9.02
C ALA D 248 -15.77 39.47 -7.86
N ASP D 249 -16.86 38.86 -7.37
CA ASP D 249 -17.59 39.35 -6.21
C ASP D 249 -17.25 38.59 -4.95
N GLY D 250 -16.10 37.91 -4.92
CA GLY D 250 -15.66 37.19 -3.75
C GLY D 250 -15.80 35.68 -3.91
N VAL D 251 -15.61 34.98 -2.79
CA VAL D 251 -15.53 33.53 -2.77
C VAL D 251 -16.86 32.96 -2.29
N LEU D 252 -17.46 32.08 -3.10
CA LEU D 252 -18.58 31.27 -2.65
C LEU D 252 -18.02 29.94 -2.15
N ALA D 253 -18.30 29.63 -0.88
CA ALA D 253 -17.73 28.46 -0.22
C ALA D 253 -18.87 27.55 0.24
N ILE D 254 -18.94 26.37 -0.35
CA ILE D 254 -19.83 25.31 0.13
C ILE D 254 -19.01 24.41 1.06
N SER D 255 -19.58 24.06 2.21
CA SER D 255 -18.89 23.21 3.16
C SER D 255 -19.86 22.17 3.70
N ARG D 256 -19.31 21.23 4.46
CA ARG D 256 -20.09 20.13 5.06
C ARG D 256 -20.95 19.43 4.01
N GLY D 257 -20.34 19.12 2.87
CA GLY D 257 -21.00 18.34 1.84
C GLY D 257 -22.21 18.98 1.21
N GLY D 258 -22.40 20.29 1.39
CA GLY D 258 -23.56 20.99 0.86
C GLY D 258 -24.52 21.49 1.90
N ALA D 259 -24.26 21.24 3.19
CA ALA D 259 -25.14 21.66 4.27
C ALA D 259 -24.74 23.00 4.87
N GLN D 260 -23.87 23.76 4.20
CA GLN D 260 -23.30 24.96 4.80
C GLN D 260 -22.77 25.84 3.69
N LEU D 261 -23.11 27.13 3.74
CA LEU D 261 -22.78 28.06 2.67
C LEU D 261 -22.38 29.40 3.25
N SER D 262 -21.28 29.96 2.73
CA SER D 262 -20.90 31.34 2.98
C SER D 262 -20.55 31.98 1.66
N ILE D 263 -20.92 33.26 1.52
CA ILE D 263 -20.67 34.03 0.30
C ILE D 263 -19.87 35.26 0.69
N ALA D 264 -18.67 35.37 0.12
CA ALA D 264 -17.75 36.47 0.41
C ALA D 264 -17.54 36.63 1.92
N GLY D 265 -17.31 35.50 2.59
CA GLY D 265 -17.00 35.50 4.01
C GLY D 265 -18.18 35.54 4.95
N GLU D 266 -19.39 35.83 4.45
CA GLU D 266 -20.56 35.90 5.32
C GLU D 266 -21.36 34.63 5.24
N PRO D 267 -21.69 34.00 6.37
CA PRO D 267 -22.54 32.81 6.33
C PRO D 267 -23.92 33.12 5.76
N VAL D 268 -24.45 32.18 4.99
CA VAL D 268 -25.80 32.25 4.45
C VAL D 268 -26.65 31.24 5.20
N GLU D 269 -27.79 31.70 5.72
CA GLU D 269 -28.67 30.81 6.46
C GLU D 269 -29.43 29.91 5.49
N LEU D 270 -29.49 28.62 5.79
CA LEU D 270 -29.97 27.61 4.87
C LEU D 270 -31.07 26.78 5.53
N GLY D 271 -32.01 26.32 4.72
CA GLY D 271 -32.99 25.37 5.18
C GLY D 271 -32.32 24.10 5.66
N PRO D 272 -32.97 23.37 6.56
CA PRO D 272 -32.39 22.12 7.05
C PRO D 272 -32.22 21.10 5.93
N GLU D 273 -31.29 20.17 6.15
CA GLU D 273 -30.99 19.16 5.15
C GLU D 273 -32.15 18.18 5.03
N ARG D 274 -32.68 18.05 3.81
CA ARG D 274 -33.74 17.08 3.50
C ARG D 274 -33.46 16.46 2.13
N GLU D 275 -32.24 15.95 1.95
CA GLU D 275 -31.82 15.46 0.64
C GLU D 275 -32.72 14.33 0.14
N TYR D 276 -32.92 13.32 0.97
CA TYR D 276 -33.66 12.16 0.48
C TYR D 276 -35.17 12.41 0.42
N PRO D 277 -35.77 13.13 1.38
CA PRO D 277 -37.16 13.57 1.15
C PRO D 277 -37.32 14.37 -0.14
N ALA D 278 -36.32 15.19 -0.50
CA ALA D 278 -36.40 15.94 -1.74
C ALA D 278 -36.29 15.03 -2.95
N LEU D 279 -35.46 13.98 -2.86
CA LEU D 279 -35.32 13.05 -3.98
C LEU D 279 -36.61 12.30 -4.25
N TYR D 280 -37.32 11.88 -3.20
CA TYR D 280 -38.53 11.10 -3.39
C TYR D 280 -39.69 11.96 -3.87
N ALA D 281 -39.75 13.21 -3.42
CA ALA D 281 -40.74 14.14 -3.97
C ALA D 281 -40.52 14.34 -5.46
N HIS D 282 -39.25 14.43 -5.87
CA HIS D 282 -38.95 14.58 -7.29
C HIS D 282 -39.24 13.30 -8.06
N PHE D 283 -38.97 12.14 -7.45
CA PHE D 283 -39.36 10.87 -8.06
C PHE D 283 -40.86 10.83 -8.29
N HIS D 284 -41.64 11.21 -7.27
CA HIS D 284 -43.09 11.29 -7.43
C HIS D 284 -43.47 12.30 -8.49
N ALA D 285 -42.75 13.42 -8.56
CA ALA D 285 -43.05 14.43 -9.58
C ALA D 285 -42.72 13.91 -10.98
N LEU D 286 -41.59 13.21 -11.14
CA LEU D 286 -41.24 12.66 -12.43
C LEU D 286 -42.28 11.65 -12.90
N ILE D 287 -42.70 10.75 -12.01
CA ILE D 287 -43.72 9.76 -12.37
C ILE D 287 -45.02 10.47 -12.74
N ALA D 288 -45.37 11.52 -12.00
CA ALA D 288 -46.59 12.27 -12.28
C ALA D 288 -46.57 12.88 -13.67
N ARG D 289 -45.41 13.37 -14.11
CA ARG D 289 -45.28 14.04 -15.40
C ARG D 289 -44.93 13.09 -16.53
N GLY D 290 -44.77 11.79 -16.25
CA GLY D 290 -44.28 10.87 -17.27
C GLY D 290 -42.88 11.19 -17.73
N GLU D 291 -42.07 11.80 -16.87
CA GLU D 291 -40.74 12.28 -17.21
C GLU D 291 -39.66 11.37 -16.64
N SER D 292 -38.47 11.46 -17.23
CA SER D 292 -37.26 10.82 -16.72
C SER D 292 -36.25 11.90 -16.34
N ASP D 293 -35.18 11.46 -15.69
CA ASP D 293 -34.15 12.38 -15.21
C ASP D 293 -32.88 11.55 -15.01
N VAL D 294 -32.05 11.48 -16.06
CA VAL D 294 -30.83 10.69 -16.04
C VAL D 294 -29.64 11.56 -16.40
N ASP D 295 -29.07 12.24 -15.41
CA ASP D 295 -27.88 13.06 -15.61
C ASP D 295 -26.65 12.22 -15.27
N VAL D 296 -25.92 11.81 -16.30
CA VAL D 296 -24.73 10.98 -16.12
C VAL D 296 -23.44 11.79 -16.17
N ARG D 297 -23.53 13.11 -16.29
CA ARG D 297 -22.33 13.93 -16.40
C ARG D 297 -21.33 13.72 -15.25
N PRO D 298 -21.74 13.56 -13.99
CA PRO D 298 -20.72 13.27 -12.96
C PRO D 298 -20.05 11.93 -13.16
N LEU D 299 -20.78 10.91 -13.62
CA LEU D 299 -20.17 9.62 -13.91
C LEU D 299 -19.29 9.69 -15.15
N ARG D 300 -19.67 10.50 -16.14
CA ARG D 300 -18.85 10.65 -17.34
C ARG D 300 -17.51 11.30 -16.99
N LEU D 301 -17.51 12.26 -16.07
CA LEU D 301 -16.26 12.88 -15.64
C LEU D 301 -15.37 11.86 -14.94
N VAL D 302 -15.97 10.98 -14.12
CA VAL D 302 -15.19 9.96 -13.42
C VAL D 302 -14.60 8.96 -14.40
N ALA D 303 -15.39 8.54 -15.40
CA ALA D 303 -14.87 7.66 -16.44
C ALA D 303 -13.68 8.30 -17.15
N ASP D 304 -13.76 9.60 -17.43
CA ASP D 304 -12.63 10.30 -18.05
C ASP D 304 -11.40 10.24 -17.16
N ALA D 305 -11.59 10.34 -15.85
CA ALA D 305 -10.44 10.28 -14.93
C ALA D 305 -9.82 8.89 -14.92
N PHE D 306 -10.63 7.84 -15.01
CA PHE D 306 -10.09 6.49 -15.10
C PHE D 306 -9.44 6.26 -16.46
N LEU D 307 -10.04 6.81 -17.53
CA LEU D 307 -9.54 6.57 -18.87
C LEU D 307 -8.26 7.38 -19.14
N PHE D 308 -8.22 8.62 -18.68
CA PHE D 308 -7.09 9.52 -18.98
C PHE D 308 -6.08 9.61 -17.86
N GLY D 309 -6.45 9.27 -16.63
CA GLY D 309 -5.62 9.59 -15.49
C GLY D 309 -4.41 8.70 -15.34
N ARG D 310 -3.36 9.27 -14.75
CA ARG D 310 -2.19 8.51 -14.33
C ARG D 310 -2.52 7.71 -13.07
N ARG D 311 -1.88 6.55 -12.95
CA ARG D 311 -2.10 5.67 -11.81
C ARG D 311 -0.80 5.48 -11.04
N VAL D 312 -0.88 5.63 -9.72
CA VAL D 312 0.26 5.50 -8.82
C VAL D 312 -0.08 4.45 -7.77
N GLN D 313 0.81 3.47 -7.61
CA GLN D 313 0.62 2.41 -6.65
C GLN D 313 1.08 2.83 -5.27
N THR D 314 0.39 2.34 -4.23
CA THR D 314 0.73 2.67 -2.86
C THR D 314 0.48 1.45 -1.97
N ASP D 315 0.68 1.65 -0.66
CA ASP D 315 0.60 0.57 0.33
C ASP D 315 -0.70 -0.18 0.24
N ALA D 316 -0.65 -1.45 0.63
CA ALA D 316 -1.88 -2.23 0.78
C ALA D 316 -2.77 -1.60 1.84
N PHE D 317 -4.03 -1.35 1.49
CA PHE D 317 -4.98 -0.85 2.48
C PHE D 317 -5.24 -1.88 3.57
N GLY D 318 -5.11 -3.16 3.24
CA GLY D 318 -5.20 -4.24 4.21
C GLY D 318 -6.50 -4.31 5.00
#